data_1UG4
# 
_entry.id   1UG4 
# 
_audit_conform.dict_name       mmcif_pdbx.dic 
_audit_conform.dict_version    5.399 
_audit_conform.dict_location   http://mmcif.pdb.org/dictionaries/ascii/mmcif_pdbx.dic 
# 
loop_
_database_2.database_id 
_database_2.database_code 
_database_2.pdbx_database_accession 
_database_2.pdbx_DOI 
PDB   1UG4         pdb_00001ug4 10.2210/pdb1ug4/pdb 
RCSB  RCSB005791   ?            ?                   
WWPDB D_1000005791 ?            ?                   
# 
loop_
_pdbx_audit_revision_history.ordinal 
_pdbx_audit_revision_history.data_content_type 
_pdbx_audit_revision_history.major_revision 
_pdbx_audit_revision_history.minor_revision 
_pdbx_audit_revision_history.revision_date 
1 'Structure model' 1 0 2005-02-22 
2 'Structure model' 1 1 2008-04-27 
3 'Structure model' 1 2 2011-07-13 
4 'Structure model' 1 3 2023-12-27 
5 'Structure model' 1 4 2024-11-20 
# 
_pdbx_audit_revision_details.ordinal             1 
_pdbx_audit_revision_details.revision_ordinal    1 
_pdbx_audit_revision_details.data_content_type   'Structure model' 
_pdbx_audit_revision_details.provider            repository 
_pdbx_audit_revision_details.type                'Initial release' 
_pdbx_audit_revision_details.description         ? 
_pdbx_audit_revision_details.details             ? 
# 
loop_
_pdbx_audit_revision_group.ordinal 
_pdbx_audit_revision_group.revision_ordinal 
_pdbx_audit_revision_group.data_content_type 
_pdbx_audit_revision_group.group 
1 2 'Structure model' 'Version format compliance' 
2 3 'Structure model' 'Version format compliance' 
3 4 'Structure model' 'Data collection'           
4 4 'Structure model' 'Database references'       
5 5 'Structure model' 'Structure summary'         
# 
loop_
_pdbx_audit_revision_category.ordinal 
_pdbx_audit_revision_category.revision_ordinal 
_pdbx_audit_revision_category.data_content_type 
_pdbx_audit_revision_category.category 
1 4 'Structure model' chem_comp_atom            
2 4 'Structure model' chem_comp_bond            
3 4 'Structure model' database_2                
4 5 'Structure model' pdbx_entry_details        
5 5 'Structure model' pdbx_modification_feature 
# 
loop_
_pdbx_audit_revision_item.ordinal 
_pdbx_audit_revision_item.revision_ordinal 
_pdbx_audit_revision_item.data_content_type 
_pdbx_audit_revision_item.item 
1 4 'Structure model' '_database_2.pdbx_DOI'                
2 4 'Structure model' '_database_2.pdbx_database_accession' 
# 
_pdbx_database_status.status_code                     REL 
_pdbx_database_status.entry_id                        1UG4 
_pdbx_database_status.recvd_initial_deposition_date   2003-06-12 
_pdbx_database_status.deposit_site                    PDBJ 
_pdbx_database_status.process_site                    PDBJ 
_pdbx_database_status.status_code_sf                  ? 
_pdbx_database_status.status_code_mr                  ? 
_pdbx_database_status.SG_entry                        ? 
_pdbx_database_status.pdb_format_compatible           Y 
_pdbx_database_status.status_code_cs                  ? 
_pdbx_database_status.status_code_nmr_data            ? 
_pdbx_database_status.methods_development_category    ? 
# 
loop_
_audit_author.name 
_audit_author.pdbx_ordinal 
'Chung, F.-Y.' 1 
'Wu, W.-G.'    2 
'Chen, C.-J.'  3 
# 
_citation.id                        primary 
_citation.title                     
;Structural difference between group I and group II cobra cardiotoxins: X-ray, NMR, and CD analysis of the effect of cis-proline conformation on three-fingered toxins.
;
_citation.journal_abbrev            Biochemistry 
_citation.journal_volume            44 
_citation.page_first                7414 
_citation.page_last                 7426 
_citation.year                      2005 
_citation.journal_id_ASTM           BICHAW 
_citation.country                   US 
_citation.journal_id_ISSN           0006-2960 
_citation.journal_id_CSD            0033 
_citation.book_publisher            ? 
_citation.pdbx_database_id_PubMed   15895985 
_citation.pdbx_database_id_DOI      10.1021/bi050172e 
# 
loop_
_citation_author.citation_id 
_citation_author.name 
_citation_author.ordinal 
_citation_author.identifier_ORCID 
primary 'Chen, T.S.'  1  ? 
primary 'Chung, F.Y.' 2  ? 
primary 'Tjong, S.C.' 3  ? 
primary 'Goh, K.S.'   4  ? 
primary 'Huang, W.N.' 5  ? 
primary 'Chien, K.Y.' 6  ? 
primary 'Wu, P.L.'    7  ? 
primary 'Lin, H.C.'   8  ? 
primary 'Chen, C.J.'  9  ? 
primary 'Wu, W.G.'    10 ? 
# 
loop_
_entity.id 
_entity.type 
_entity.src_method 
_entity.pdbx_description 
_entity.formula_weight 
_entity.pdbx_number_of_molecules 
_entity.pdbx_ec 
_entity.pdbx_mutation 
_entity.pdbx_fragment 
_entity.details 
1 polymer nat 'Cytotoxin 6' 6699.200 1  ? ? ? ? 
2 water   nat water         18.015   36 ? ? ? ? 
# 
_entity_name_com.entity_id   1 
_entity_name_com.name        'Cardiotoxin VI' 
# 
_entity_poly.entity_id                      1 
_entity_poly.type                           'polypeptide(L)' 
_entity_poly.nstd_linkage                   no 
_entity_poly.nstd_monomer                   no 
_entity_poly.pdbx_seq_one_letter_code       LKCNQLIPPFYKTCAAGKNLCYKMFMVAAPKVPVKRGCIDVCPKSSLLVKYVCCNTDRCN 
_entity_poly.pdbx_seq_one_letter_code_can   LKCNQLIPPFYKTCAAGKNLCYKMFMVAAPKVPVKRGCIDVCPKSSLLVKYVCCNTDRCN 
_entity_poly.pdbx_strand_id                 A 
_entity_poly.pdbx_target_identifier         ? 
# 
_pdbx_entity_nonpoly.entity_id   2 
_pdbx_entity_nonpoly.name        water 
_pdbx_entity_nonpoly.comp_id     HOH 
# 
loop_
_entity_poly_seq.entity_id 
_entity_poly_seq.num 
_entity_poly_seq.mon_id 
_entity_poly_seq.hetero 
1 1  LEU n 
1 2  LYS n 
1 3  CYS n 
1 4  ASN n 
1 5  GLN n 
1 6  LEU n 
1 7  ILE n 
1 8  PRO n 
1 9  PRO n 
1 10 PHE n 
1 11 TYR n 
1 12 LYS n 
1 13 THR n 
1 14 CYS n 
1 15 ALA n 
1 16 ALA n 
1 17 GLY n 
1 18 LYS n 
1 19 ASN n 
1 20 LEU n 
1 21 CYS n 
1 22 TYR n 
1 23 LYS n 
1 24 MET n 
1 25 PHE n 
1 26 MET n 
1 27 VAL n 
1 28 ALA n 
1 29 ALA n 
1 30 PRO n 
1 31 LYS n 
1 32 VAL n 
1 33 PRO n 
1 34 VAL n 
1 35 LYS n 
1 36 ARG n 
1 37 GLY n 
1 38 CYS n 
1 39 ILE n 
1 40 ASP n 
1 41 VAL n 
1 42 CYS n 
1 43 PRO n 
1 44 LYS n 
1 45 SER n 
1 46 SER n 
1 47 LEU n 
1 48 LEU n 
1 49 VAL n 
1 50 LYS n 
1 51 TYR n 
1 52 VAL n 
1 53 CYS n 
1 54 CYS n 
1 55 ASN n 
1 56 THR n 
1 57 ASP n 
1 58 ARG n 
1 59 CYS n 
1 60 ASN n 
# 
_entity_src_nat.entity_id                  1 
_entity_src_nat.pdbx_src_id                1 
_entity_src_nat.pdbx_alt_source_flag       sample 
_entity_src_nat.pdbx_beg_seq_num           ? 
_entity_src_nat.pdbx_end_seq_num           ? 
_entity_src_nat.common_name                'Chinese cobra' 
_entity_src_nat.pdbx_organism_scientific   'Naja atra' 
_entity_src_nat.pdbx_ncbi_taxonomy_id      8656 
_entity_src_nat.genus                      Naja 
_entity_src_nat.species                    ? 
_entity_src_nat.strain                     ? 
_entity_src_nat.tissue                     ? 
_entity_src_nat.tissue_fraction            ? 
_entity_src_nat.pdbx_secretion             ? 
_entity_src_nat.pdbx_fragment              ? 
_entity_src_nat.pdbx_variant               ? 
_entity_src_nat.pdbx_cell_line             ? 
_entity_src_nat.pdbx_atcc                  ? 
_entity_src_nat.pdbx_cellular_location     ? 
_entity_src_nat.pdbx_organ                 ? 
_entity_src_nat.pdbx_organelle             ? 
_entity_src_nat.pdbx_cell                  ? 
_entity_src_nat.pdbx_plasmid_name          ? 
_entity_src_nat.pdbx_plasmid_details       ? 
_entity_src_nat.details                    ? 
# 
loop_
_chem_comp.id 
_chem_comp.type 
_chem_comp.mon_nstd_flag 
_chem_comp.name 
_chem_comp.pdbx_synonyms 
_chem_comp.formula 
_chem_comp.formula_weight 
ALA 'L-peptide linking' y ALANINE         ? 'C3 H7 N O2'     89.093  
ARG 'L-peptide linking' y ARGININE        ? 'C6 H15 N4 O2 1' 175.209 
ASN 'L-peptide linking' y ASPARAGINE      ? 'C4 H8 N2 O3'    132.118 
ASP 'L-peptide linking' y 'ASPARTIC ACID' ? 'C4 H7 N O4'     133.103 
CYS 'L-peptide linking' y CYSTEINE        ? 'C3 H7 N O2 S'   121.158 
GLN 'L-peptide linking' y GLUTAMINE       ? 'C5 H10 N2 O3'   146.144 
GLY 'peptide linking'   y GLYCINE         ? 'C2 H5 N O2'     75.067  
HOH non-polymer         . WATER           ? 'H2 O'           18.015  
ILE 'L-peptide linking' y ISOLEUCINE      ? 'C6 H13 N O2'    131.173 
LEU 'L-peptide linking' y LEUCINE         ? 'C6 H13 N O2'    131.173 
LYS 'L-peptide linking' y LYSINE          ? 'C6 H15 N2 O2 1' 147.195 
MET 'L-peptide linking' y METHIONINE      ? 'C5 H11 N O2 S'  149.211 
PHE 'L-peptide linking' y PHENYLALANINE   ? 'C9 H11 N O2'    165.189 
PRO 'L-peptide linking' y PROLINE         ? 'C5 H9 N O2'     115.130 
SER 'L-peptide linking' y SERINE          ? 'C3 H7 N O3'     105.093 
THR 'L-peptide linking' y THREONINE       ? 'C4 H9 N O3'     119.119 
TYR 'L-peptide linking' y TYROSINE        ? 'C9 H11 N O3'    181.189 
VAL 'L-peptide linking' y VALINE          ? 'C5 H11 N O2'    117.146 
# 
loop_
_pdbx_poly_seq_scheme.asym_id 
_pdbx_poly_seq_scheme.entity_id 
_pdbx_poly_seq_scheme.seq_id 
_pdbx_poly_seq_scheme.mon_id 
_pdbx_poly_seq_scheme.ndb_seq_num 
_pdbx_poly_seq_scheme.pdb_seq_num 
_pdbx_poly_seq_scheme.auth_seq_num 
_pdbx_poly_seq_scheme.pdb_mon_id 
_pdbx_poly_seq_scheme.auth_mon_id 
_pdbx_poly_seq_scheme.pdb_strand_id 
_pdbx_poly_seq_scheme.pdb_ins_code 
_pdbx_poly_seq_scheme.hetero 
A 1 1  LEU 1  1  1  LEU LEU A . n 
A 1 2  LYS 2  2  2  LYS LYS A . n 
A 1 3  CYS 3  3  3  CYS CYS A . n 
A 1 4  ASN 4  4  4  ASN ASN A . n 
A 1 5  GLN 5  5  5  GLN GLN A . n 
A 1 6  LEU 6  6  6  LEU LEU A . n 
A 1 7  ILE 7  7  7  ILE ILE A . n 
A 1 8  PRO 8  8  8  PRO PRO A . n 
A 1 9  PRO 9  9  9  PRO PRO A . n 
A 1 10 PHE 10 10 10 PHE PHE A . n 
A 1 11 TYR 11 11 11 TYR TYR A . n 
A 1 12 LYS 12 12 12 LYS LYS A . n 
A 1 13 THR 13 13 13 THR THR A . n 
A 1 14 CYS 14 14 14 CYS CYS A . n 
A 1 15 ALA 15 15 15 ALA ALA A . n 
A 1 16 ALA 16 16 16 ALA ALA A . n 
A 1 17 GLY 17 17 17 GLY GLY A . n 
A 1 18 LYS 18 18 18 LYS LYS A . n 
A 1 19 ASN 19 19 19 ASN ASN A . n 
A 1 20 LEU 20 20 20 LEU LEU A . n 
A 1 21 CYS 21 21 21 CYS CYS A . n 
A 1 22 TYR 22 22 22 TYR TYR A . n 
A 1 23 LYS 23 23 23 LYS LYS A . n 
A 1 24 MET 24 24 24 MET MET A . n 
A 1 25 PHE 25 25 25 PHE PHE A . n 
A 1 26 MET 26 26 26 MET MET A . n 
A 1 27 VAL 27 27 27 VAL VAL A . n 
A 1 28 ALA 28 28 28 ALA ALA A . n 
A 1 29 ALA 29 29 29 ALA ALA A . n 
A 1 30 PRO 30 30 30 PRO PRO A . n 
A 1 31 LYS 31 31 31 LYS LYS A . n 
A 1 32 VAL 32 32 32 VAL VAL A . n 
A 1 33 PRO 33 33 33 PRO PRO A . n 
A 1 34 VAL 34 34 34 VAL VAL A . n 
A 1 35 LYS 35 35 35 LYS LYS A . n 
A 1 36 ARG 36 36 36 ARG ARG A . n 
A 1 37 GLY 37 37 37 GLY GLY A . n 
A 1 38 CYS 38 38 38 CYS CYS A . n 
A 1 39 ILE 39 39 39 ILE ILE A . n 
A 1 40 ASP 40 40 40 ASP ASP A . n 
A 1 41 VAL 41 41 41 VAL VAL A . n 
A 1 42 CYS 42 42 42 CYS CYS A . n 
A 1 43 PRO 43 43 43 PRO PRO A . n 
A 1 44 LYS 44 44 44 LYS LYS A . n 
A 1 45 SER 45 45 45 SER SER A . n 
A 1 46 SER 46 46 46 SER SER A . n 
A 1 47 LEU 47 47 47 LEU LEU A . n 
A 1 48 LEU 48 48 48 LEU LEU A . n 
A 1 49 VAL 49 49 49 VAL VAL A . n 
A 1 50 LYS 50 50 50 LYS LYS A . n 
A 1 51 TYR 51 51 51 TYR TYR A . n 
A 1 52 VAL 52 52 52 VAL VAL A . n 
A 1 53 CYS 53 53 53 CYS CYS A . n 
A 1 54 CYS 54 54 54 CYS CYS A . n 
A 1 55 ASN 55 55 55 ASN ASN A . n 
A 1 56 THR 56 56 56 THR THR A . n 
A 1 57 ASP 57 57 57 ASP ASP A . n 
A 1 58 ARG 58 58 58 ARG ARG A . n 
A 1 59 CYS 59 59 59 CYS CYS A . n 
A 1 60 ASN 60 60 60 ASN ASN A . n 
# 
loop_
_pdbx_nonpoly_scheme.asym_id 
_pdbx_nonpoly_scheme.entity_id 
_pdbx_nonpoly_scheme.mon_id 
_pdbx_nonpoly_scheme.ndb_seq_num 
_pdbx_nonpoly_scheme.pdb_seq_num 
_pdbx_nonpoly_scheme.auth_seq_num 
_pdbx_nonpoly_scheme.pdb_mon_id 
_pdbx_nonpoly_scheme.auth_mon_id 
_pdbx_nonpoly_scheme.pdb_strand_id 
_pdbx_nonpoly_scheme.pdb_ins_code 
B 2 HOH 1  61 1  HOH HOH A . 
B 2 HOH 2  62 2  HOH HOH A . 
B 2 HOH 3  63 3  HOH HOH A . 
B 2 HOH 4  64 4  HOH HOH A . 
B 2 HOH 5  65 5  HOH HOH A . 
B 2 HOH 6  66 6  HOH HOH A . 
B 2 HOH 7  67 7  HOH HOH A . 
B 2 HOH 8  68 8  HOH HOH A . 
B 2 HOH 9  69 9  HOH HOH A . 
B 2 HOH 10 70 10 HOH HOH A . 
B 2 HOH 11 71 11 HOH HOH A . 
B 2 HOH 12 72 12 HOH HOH A . 
B 2 HOH 13 73 13 HOH HOH A . 
B 2 HOH 14 74 14 HOH HOH A . 
B 2 HOH 15 75 15 HOH HOH A . 
B 2 HOH 16 76 16 HOH HOH A . 
B 2 HOH 17 77 17 HOH HOH A . 
B 2 HOH 18 78 18 HOH HOH A . 
B 2 HOH 19 79 19 HOH HOH A . 
B 2 HOH 20 80 20 HOH HOH A . 
B 2 HOH 21 81 21 HOH HOH A . 
B 2 HOH 22 82 22 HOH HOH A . 
B 2 HOH 23 83 23 HOH HOH A . 
B 2 HOH 24 84 24 HOH HOH A . 
B 2 HOH 25 85 25 HOH HOH A . 
B 2 HOH 26 86 26 HOH HOH A . 
B 2 HOH 27 87 27 HOH HOH A . 
B 2 HOH 28 88 28 HOH HOH A . 
B 2 HOH 29 89 29 HOH HOH A . 
B 2 HOH 30 90 30 HOH HOH A . 
B 2 HOH 31 91 31 HOH HOH A . 
B 2 HOH 32 92 32 HOH HOH A . 
B 2 HOH 33 93 33 HOH HOH A . 
B 2 HOH 34 94 34 HOH HOH A . 
B 2 HOH 35 95 35 HOH HOH A . 
B 2 HOH 36 96 36 HOH HOH A . 
# 
loop_
_software.name 
_software.classification 
_software.version 
_software.citation_id 
_software.pdbx_ordinal 
DENZO     'data reduction' . ? 1 
SCALEPACK 'data scaling'   . ? 2 
CNS       refinement       . ? 3 
CNS       phasing          . ? 4 
# 
_cell.entry_id           1UG4 
_cell.length_a           39.618 
_cell.length_b           39.618 
_cell.length_c           153.571 
_cell.angle_alpha        90.00 
_cell.angle_beta         90.00 
_cell.angle_gamma        120.00 
_cell.Z_PDB              18 
_cell.pdbx_unique_axis   ? 
# 
_symmetry.entry_id                         1UG4 
_symmetry.space_group_name_H-M             'H 3 2' 
_symmetry.pdbx_full_space_group_name_H-M   ? 
_symmetry.cell_setting                     ? 
_symmetry.Int_Tables_number                155 
_symmetry.space_group_name_Hall            ? 
# 
_exptl.entry_id          1UG4 
_exptl.method            'X-RAY DIFFRACTION' 
_exptl.crystals_number   1 
# 
_exptl_crystal.id                    1 
_exptl_crystal.density_meas          ? 
_exptl_crystal.density_Matthews      1.73 
_exptl_crystal.density_percent_sol   28.95 
_exptl_crystal.description           ? 
_exptl_crystal.F_000                 ? 
_exptl_crystal.preparation           ? 
# 
_exptl_crystal_grow.crystal_id      1 
_exptl_crystal_grow.method          'VAPOR DIFFUSION, HANGING DROP' 
_exptl_crystal_grow.temp            291 
_exptl_crystal_grow.temp_details    ? 
_exptl_crystal_grow.pH              7.0 
_exptl_crystal_grow.pdbx_details    'sodium formate, pH 7.0, VAPOR DIFFUSION, HANGING DROP, temperature 291K' 
_exptl_crystal_grow.pdbx_pH_range   . 
# 
_diffrn.id                     1 
_diffrn.ambient_temp           110 
_diffrn.ambient_temp_details   ? 
_diffrn.crystal_id             1 
# 
_diffrn_detector.diffrn_id              1 
_diffrn_detector.detector               CCD 
_diffrn_detector.type                   'ADSC QUANTUM 4' 
_diffrn_detector.pdbx_collection_date   2002-12-12 
_diffrn_detector.details                ? 
# 
_diffrn_radiation.diffrn_id                        1 
_diffrn_radiation.wavelength_id                    1 
_diffrn_radiation.pdbx_monochromatic_or_laue_m_l   M 
_diffrn_radiation.monochromator                    'Si 111 CHANNEL' 
_diffrn_radiation.pdbx_diffrn_protocol             'SINGLE WAVELENGTH' 
_diffrn_radiation.pdbx_scattering_type             x-ray 
# 
_diffrn_radiation_wavelength.id           1 
_diffrn_radiation_wavelength.wavelength   1.0 
_diffrn_radiation_wavelength.wt           1.0 
# 
_diffrn_source.diffrn_id                   1 
_diffrn_source.source                      SYNCHROTRON 
_diffrn_source.type                        'SPRING-8 BEAMLINE BL12B2' 
_diffrn_source.pdbx_synchrotron_site       SPring-8 
_diffrn_source.pdbx_synchrotron_beamline   BL12B2 
_diffrn_source.pdbx_wavelength             ? 
_diffrn_source.pdbx_wavelength_list        1.0 
# 
_reflns.entry_id                     1UG4 
_reflns.observed_criterion_sigma_F   2 
_reflns.observed_criterion_sigma_I   2 
_reflns.d_resolution_high            1.6 
_reflns.d_resolution_low             20 
_reflns.number_all                   6473 
_reflns.number_obs                   6187 
_reflns.percent_possible_obs         95.58 
_reflns.pdbx_Rmerge_I_obs            ? 
_reflns.pdbx_Rsym_value              ? 
_reflns.pdbx_netI_over_sigmaI        ? 
_reflns.B_iso_Wilson_estimate        ? 
_reflns.pdbx_redundancy              ? 
_reflns.R_free_details               ? 
_reflns.limit_h_max                  ? 
_reflns.limit_h_min                  ? 
_reflns.limit_k_max                  ? 
_reflns.limit_k_min                  ? 
_reflns.limit_l_max                  ? 
_reflns.limit_l_min                  ? 
_reflns.observed_criterion_F_max     ? 
_reflns.observed_criterion_F_min     ? 
_reflns.pdbx_chi_squared             ? 
_reflns.pdbx_scaling_rejects         ? 
_reflns.pdbx_diffrn_id               1 
_reflns.pdbx_ordinal                 1 
# 
_reflns_shell.d_res_high             1.60 
_reflns_shell.d_res_low              1.69 
_reflns_shell.percent_possible_all   87.0 
_reflns_shell.Rmerge_I_obs           ? 
_reflns_shell.pdbx_Rsym_value        ? 
_reflns_shell.meanI_over_sigI_obs    ? 
_reflns_shell.pdbx_redundancy        ? 
_reflns_shell.percent_possible_obs   ? 
_reflns_shell.number_unique_all      ? 
_reflns_shell.number_measured_all    ? 
_reflns_shell.number_measured_obs    ? 
_reflns_shell.number_unique_obs      ? 
_reflns_shell.pdbx_chi_squared       ? 
_reflns_shell.pdbx_diffrn_id         ? 
_reflns_shell.pdbx_ordinal           1 
# 
_refine.entry_id                                 1UG4 
_refine.ls_d_res_high                            1.6 
_refine.ls_d_res_low                             20 
_refine.pdbx_ls_sigma_F                          2 
_refine.pdbx_ls_sigma_I                          ? 
_refine.ls_number_reflns_all                     6473 
_refine.ls_number_reflns_obs                     6187 
_refine.ls_number_reflns_R_free                  628 
_refine.ls_percent_reflns_obs                    ? 
_refine.ls_R_factor_all                          0.249 
_refine.ls_R_factor_obs                          0.24 
_refine.ls_R_factor_R_work                       0.239 
_refine.ls_R_factor_R_free                       0.2807 
_refine.ls_redundancy_reflns_obs                 ? 
_refine.pdbx_data_cutoff_high_absF               ? 
_refine.pdbx_data_cutoff_low_absF                ? 
_refine.ls_number_parameters                     ? 
_refine.ls_number_restraints                     ? 
_refine.ls_percent_reflns_R_free                 ? 
_refine.ls_R_factor_R_free_error                 ? 
_refine.ls_R_factor_R_free_error_details         ? 
_refine.pdbx_method_to_determine_struct          'MOLECULAR REPLACEMENT' 
_refine.pdbx_starting_model                      ? 
_refine.pdbx_ls_cross_valid_method               ? 
_refine.pdbx_R_Free_selection_details            RANDOM 
_refine.pdbx_stereochem_target_val_spec_case     ? 
_refine.pdbx_stereochemistry_target_values       'Engh & Huber' 
_refine.solvent_model_details                    ? 
_refine.solvent_model_param_bsol                 ? 
_refine.solvent_model_param_ksol                 ? 
_refine.occupancy_max                            ? 
_refine.occupancy_min                            ? 
_refine.pdbx_isotropic_thermal_model             ? 
_refine.B_iso_mean                               ? 
_refine.aniso_B[1][1]                            ? 
_refine.aniso_B[1][2]                            ? 
_refine.aniso_B[1][3]                            ? 
_refine.aniso_B[2][2]                            ? 
_refine.aniso_B[2][3]                            ? 
_refine.aniso_B[3][3]                            ? 
_refine.details                                  ? 
_refine.B_iso_min                                ? 
_refine.B_iso_max                                ? 
_refine.correlation_coeff_Fo_to_Fc               ? 
_refine.correlation_coeff_Fo_to_Fc_free          ? 
_refine.pdbx_solvent_vdw_probe_radii             ? 
_refine.pdbx_solvent_ion_probe_radii             ? 
_refine.pdbx_solvent_shrinkage_radii             ? 
_refine.overall_SU_R_Cruickshank_DPI             ? 
_refine.overall_SU_R_free                        ? 
_refine.overall_SU_B                             ? 
_refine.overall_SU_ML                            ? 
_refine.pdbx_overall_ESU_R                       ? 
_refine.pdbx_overall_ESU_R_Free                  ? 
_refine.pdbx_data_cutoff_high_rms_absF           ? 
_refine.ls_wR_factor_R_free                      ? 
_refine.ls_wR_factor_R_work                      ? 
_refine.overall_FOM_free_R_set                   ? 
_refine.overall_FOM_work_R_set                   ? 
_refine.pdbx_refine_id                           'X-RAY DIFFRACTION' 
_refine.pdbx_diffrn_id                           1 
_refine.pdbx_TLS_residual_ADP_flag               ? 
_refine.pdbx_overall_phase_error                 ? 
_refine.pdbx_overall_SU_R_free_Cruickshank_DPI   ? 
_refine.pdbx_overall_SU_R_Blow_DPI               ? 
_refine.pdbx_overall_SU_R_free_Blow_DPI          ? 
# 
_refine_hist.pdbx_refine_id                   'X-RAY DIFFRACTION' 
_refine_hist.cycle_id                         LAST 
_refine_hist.pdbx_number_atoms_protein        461 
_refine_hist.pdbx_number_atoms_nucleic_acid   0 
_refine_hist.pdbx_number_atoms_ligand         0 
_refine_hist.number_atoms_solvent             36 
_refine_hist.number_atoms_total               497 
_refine_hist.d_res_high                       1.6 
_refine_hist.d_res_low                        20 
# 
loop_
_refine_ls_restr.type 
_refine_ls_restr.dev_ideal 
_refine_ls_restr.dev_ideal_target 
_refine_ls_restr.weight 
_refine_ls_restr.number 
_refine_ls_restr.pdbx_refine_id 
_refine_ls_restr.pdbx_restraint_function 
c_bond_d    0.005 ? ? ? 'X-RAY DIFFRACTION' ? 
c_angle_deg 1.4   ? ? ? 'X-RAY DIFFRACTION' ? 
# 
_struct.entry_id                  1UG4 
_struct.title                     'Crystal Structure of Cardiotoxin VI from Taiwan Cobra (Naja atra) Venom' 
_struct.pdbx_model_details        ? 
_struct.pdbx_CASP_flag            ? 
_struct.pdbx_model_type_details   ? 
# 
_struct_keywords.entry_id        1UG4 
_struct_keywords.pdbx_keywords   TOXIN 
_struct_keywords.text            'cardiotoxin, cobra, venom, toxin' 
# 
loop_
_struct_asym.id 
_struct_asym.pdbx_blank_PDB_chainid_flag 
_struct_asym.pdbx_modified 
_struct_asym.entity_id 
_struct_asym.details 
A N N 1 ? 
B N N 2 ? 
# 
_struct_ref.id                         1 
_struct_ref.db_name                    UNP 
_struct_ref.db_code                    CX6_NAJAT 
_struct_ref.entity_id                  1 
_struct_ref.pdbx_seq_one_letter_code   LKCNQLIPPFYKTCAAGKNLCYKMFMVAAPKVPVKRGCIDVCPKSSLLVKYVCCNTDRCN 
_struct_ref.pdbx_align_begin           22 
_struct_ref.pdbx_db_accession          P80245 
_struct_ref.pdbx_db_isoform            ? 
# 
_struct_ref_seq.align_id                      1 
_struct_ref_seq.ref_id                        1 
_struct_ref_seq.pdbx_PDB_id_code              1UG4 
_struct_ref_seq.pdbx_strand_id                A 
_struct_ref_seq.seq_align_beg                 1 
_struct_ref_seq.pdbx_seq_align_beg_ins_code   ? 
_struct_ref_seq.seq_align_end                 60 
_struct_ref_seq.pdbx_seq_align_end_ins_code   ? 
_struct_ref_seq.pdbx_db_accession             P80245 
_struct_ref_seq.db_align_beg                  22 
_struct_ref_seq.pdbx_db_align_beg_ins_code    ? 
_struct_ref_seq.db_align_end                  81 
_struct_ref_seq.pdbx_db_align_end_ins_code    ? 
_struct_ref_seq.pdbx_auth_seq_align_beg       1 
_struct_ref_seq.pdbx_auth_seq_align_end       60 
# 
_pdbx_struct_assembly.id                   1 
_pdbx_struct_assembly.details              author_defined_assembly 
_pdbx_struct_assembly.method_details       ? 
_pdbx_struct_assembly.oligomeric_details   monomeric 
_pdbx_struct_assembly.oligomeric_count     1 
# 
_pdbx_struct_assembly_gen.assembly_id       1 
_pdbx_struct_assembly_gen.oper_expression   1 
_pdbx_struct_assembly_gen.asym_id_list      A,B 
# 
_pdbx_struct_oper_list.id                   1 
_pdbx_struct_oper_list.type                 'identity operation' 
_pdbx_struct_oper_list.name                 1_555 
_pdbx_struct_oper_list.symmetry_operation   x,y,z 
_pdbx_struct_oper_list.matrix[1][1]         1.0000000000 
_pdbx_struct_oper_list.matrix[1][2]         0.0000000000 
_pdbx_struct_oper_list.matrix[1][3]         0.0000000000 
_pdbx_struct_oper_list.vector[1]            0.0000000000 
_pdbx_struct_oper_list.matrix[2][1]         0.0000000000 
_pdbx_struct_oper_list.matrix[2][2]         1.0000000000 
_pdbx_struct_oper_list.matrix[2][3]         0.0000000000 
_pdbx_struct_oper_list.vector[2]            0.0000000000 
_pdbx_struct_oper_list.matrix[3][1]         0.0000000000 
_pdbx_struct_oper_list.matrix[3][2]         0.0000000000 
_pdbx_struct_oper_list.matrix[3][3]         1.0000000000 
_pdbx_struct_oper_list.vector[3]            0.0000000000 
# 
loop_
_struct_conn.id 
_struct_conn.conn_type_id 
_struct_conn.pdbx_leaving_atom_flag 
_struct_conn.pdbx_PDB_id 
_struct_conn.ptnr1_label_asym_id 
_struct_conn.ptnr1_label_comp_id 
_struct_conn.ptnr1_label_seq_id 
_struct_conn.ptnr1_label_atom_id 
_struct_conn.pdbx_ptnr1_label_alt_id 
_struct_conn.pdbx_ptnr1_PDB_ins_code 
_struct_conn.pdbx_ptnr1_standard_comp_id 
_struct_conn.ptnr1_symmetry 
_struct_conn.ptnr2_label_asym_id 
_struct_conn.ptnr2_label_comp_id 
_struct_conn.ptnr2_label_seq_id 
_struct_conn.ptnr2_label_atom_id 
_struct_conn.pdbx_ptnr2_label_alt_id 
_struct_conn.pdbx_ptnr2_PDB_ins_code 
_struct_conn.ptnr1_auth_asym_id 
_struct_conn.ptnr1_auth_comp_id 
_struct_conn.ptnr1_auth_seq_id 
_struct_conn.ptnr2_auth_asym_id 
_struct_conn.ptnr2_auth_comp_id 
_struct_conn.ptnr2_auth_seq_id 
_struct_conn.ptnr2_symmetry 
_struct_conn.pdbx_ptnr3_label_atom_id 
_struct_conn.pdbx_ptnr3_label_seq_id 
_struct_conn.pdbx_ptnr3_label_comp_id 
_struct_conn.pdbx_ptnr3_label_asym_id 
_struct_conn.pdbx_ptnr3_label_alt_id 
_struct_conn.pdbx_ptnr3_PDB_ins_code 
_struct_conn.details 
_struct_conn.pdbx_dist_value 
_struct_conn.pdbx_value_order 
_struct_conn.pdbx_role 
disulf1 disulf ? ? A CYS 3  SG ? ? ? 1_555 A CYS 21 SG ? ? A CYS 3  A CYS 21 1_555 ? ? ? ? ? ? ? 2.028 ? ? 
disulf2 disulf ? ? A CYS 14 SG ? ? ? 1_555 A CYS 38 SG ? ? A CYS 14 A CYS 38 1_555 ? ? ? ? ? ? ? 2.028 ? ? 
disulf3 disulf ? ? A CYS 42 SG ? ? ? 1_555 A CYS 53 SG ? ? A CYS 42 A CYS 53 1_555 ? ? ? ? ? ? ? 2.027 ? ? 
disulf4 disulf ? ? A CYS 54 SG ? ? ? 1_555 A CYS 59 SG ? ? A CYS 54 A CYS 59 1_555 ? ? ? ? ? ? ? 2.028 ? ? 
# 
_struct_conn_type.id          disulf 
_struct_conn_type.criteria    ? 
_struct_conn_type.reference   ? 
# 
loop_
_pdbx_modification_feature.ordinal 
_pdbx_modification_feature.label_comp_id 
_pdbx_modification_feature.label_asym_id 
_pdbx_modification_feature.label_seq_id 
_pdbx_modification_feature.label_alt_id 
_pdbx_modification_feature.modified_residue_label_comp_id 
_pdbx_modification_feature.modified_residue_label_asym_id 
_pdbx_modification_feature.modified_residue_label_seq_id 
_pdbx_modification_feature.modified_residue_label_alt_id 
_pdbx_modification_feature.auth_comp_id 
_pdbx_modification_feature.auth_asym_id 
_pdbx_modification_feature.auth_seq_id 
_pdbx_modification_feature.PDB_ins_code 
_pdbx_modification_feature.symmetry 
_pdbx_modification_feature.modified_residue_auth_comp_id 
_pdbx_modification_feature.modified_residue_auth_asym_id 
_pdbx_modification_feature.modified_residue_auth_seq_id 
_pdbx_modification_feature.modified_residue_PDB_ins_code 
_pdbx_modification_feature.modified_residue_symmetry 
_pdbx_modification_feature.comp_id_linking_atom 
_pdbx_modification_feature.modified_residue_id_linking_atom 
_pdbx_modification_feature.modified_residue_id 
_pdbx_modification_feature.ref_pcm_id 
_pdbx_modification_feature.ref_comp_id 
_pdbx_modification_feature.type 
_pdbx_modification_feature.category 
1 CYS A 3  ? CYS A 21 ? CYS A 3  ? 1_555 CYS A 21 ? 1_555 SG SG . . . None 'Disulfide bridge' 
2 CYS A 14 ? CYS A 38 ? CYS A 14 ? 1_555 CYS A 38 ? 1_555 SG SG . . . None 'Disulfide bridge' 
3 CYS A 42 ? CYS A 53 ? CYS A 42 ? 1_555 CYS A 53 ? 1_555 SG SG . . . None 'Disulfide bridge' 
4 CYS A 54 ? CYS A 59 ? CYS A 54 ? 1_555 CYS A 59 ? 1_555 SG SG . . . None 'Disulfide bridge' 
# 
_struct_mon_prot_cis.pdbx_id                1 
_struct_mon_prot_cis.label_comp_id          PRO 
_struct_mon_prot_cis.label_seq_id           8 
_struct_mon_prot_cis.label_asym_id          A 
_struct_mon_prot_cis.label_alt_id           . 
_struct_mon_prot_cis.pdbx_PDB_ins_code      ? 
_struct_mon_prot_cis.auth_comp_id           PRO 
_struct_mon_prot_cis.auth_seq_id            8 
_struct_mon_prot_cis.auth_asym_id           A 
_struct_mon_prot_cis.pdbx_label_comp_id_2   PRO 
_struct_mon_prot_cis.pdbx_label_seq_id_2    9 
_struct_mon_prot_cis.pdbx_label_asym_id_2   A 
_struct_mon_prot_cis.pdbx_PDB_ins_code_2    ? 
_struct_mon_prot_cis.pdbx_auth_comp_id_2    PRO 
_struct_mon_prot_cis.pdbx_auth_seq_id_2     9 
_struct_mon_prot_cis.pdbx_auth_asym_id_2    A 
_struct_mon_prot_cis.pdbx_PDB_model_num     1 
_struct_mon_prot_cis.pdbx_omega_angle       0.18 
# 
loop_
_struct_sheet.id 
_struct_sheet.type 
_struct_sheet.number_strands 
_struct_sheet.details 
A ? 2 ? 
B ? 3 ? 
# 
loop_
_struct_sheet_order.sheet_id 
_struct_sheet_order.range_id_1 
_struct_sheet_order.range_id_2 
_struct_sheet_order.offset 
_struct_sheet_order.sense 
A 1 2 ? anti-parallel 
B 1 2 ? anti-parallel 
B 2 3 ? anti-parallel 
# 
loop_
_struct_sheet_range.sheet_id 
_struct_sheet_range.id 
_struct_sheet_range.beg_label_comp_id 
_struct_sheet_range.beg_label_asym_id 
_struct_sheet_range.beg_label_seq_id 
_struct_sheet_range.pdbx_beg_PDB_ins_code 
_struct_sheet_range.end_label_comp_id 
_struct_sheet_range.end_label_asym_id 
_struct_sheet_range.end_label_seq_id 
_struct_sheet_range.pdbx_end_PDB_ins_code 
_struct_sheet_range.beg_auth_comp_id 
_struct_sheet_range.beg_auth_asym_id 
_struct_sheet_range.beg_auth_seq_id 
_struct_sheet_range.end_auth_comp_id 
_struct_sheet_range.end_auth_asym_id 
_struct_sheet_range.end_auth_seq_id 
A 1 LYS A 2  ? ASN A 4  ? LYS A 2  ASN A 4  
A 2 TYR A 11 ? THR A 13 ? TYR A 11 THR A 13 
B 1 LYS A 35 ? ILE A 39 ? LYS A 35 ILE A 39 
B 2 LEU A 20 ? MET A 26 ? LEU A 20 MET A 26 
B 3 VAL A 49 ? CYS A 54 ? VAL A 49 CYS A 54 
# 
loop_
_pdbx_struct_sheet_hbond.sheet_id 
_pdbx_struct_sheet_hbond.range_id_1 
_pdbx_struct_sheet_hbond.range_id_2 
_pdbx_struct_sheet_hbond.range_1_label_atom_id 
_pdbx_struct_sheet_hbond.range_1_label_comp_id 
_pdbx_struct_sheet_hbond.range_1_label_asym_id 
_pdbx_struct_sheet_hbond.range_1_label_seq_id 
_pdbx_struct_sheet_hbond.range_1_PDB_ins_code 
_pdbx_struct_sheet_hbond.range_1_auth_atom_id 
_pdbx_struct_sheet_hbond.range_1_auth_comp_id 
_pdbx_struct_sheet_hbond.range_1_auth_asym_id 
_pdbx_struct_sheet_hbond.range_1_auth_seq_id 
_pdbx_struct_sheet_hbond.range_2_label_atom_id 
_pdbx_struct_sheet_hbond.range_2_label_comp_id 
_pdbx_struct_sheet_hbond.range_2_label_asym_id 
_pdbx_struct_sheet_hbond.range_2_label_seq_id 
_pdbx_struct_sheet_hbond.range_2_PDB_ins_code 
_pdbx_struct_sheet_hbond.range_2_auth_atom_id 
_pdbx_struct_sheet_hbond.range_2_auth_comp_id 
_pdbx_struct_sheet_hbond.range_2_auth_asym_id 
_pdbx_struct_sheet_hbond.range_2_auth_seq_id 
A 1 2 N CYS A 3  ? N CYS A 3  O LYS A 12 ? O LYS A 12 
B 1 2 O LYS A 35 ? O LYS A 35 N MET A 24 ? N MET A 24 
B 2 3 N PHE A 25 ? N PHE A 25 O LYS A 50 ? O LYS A 50 
# 
_pdbx_entry_details.entry_id                   1UG4 
_pdbx_entry_details.compound_details           ? 
_pdbx_entry_details.source_details             ? 
_pdbx_entry_details.nonpolymer_details         ? 
_pdbx_entry_details.sequence_details           ? 
_pdbx_entry_details.has_ligand_of_interest     ? 
_pdbx_entry_details.has_protein_modification   Y 
# 
_pdbx_validate_torsion.id              1 
_pdbx_validate_torsion.PDB_model_num   1 
_pdbx_validate_torsion.auth_comp_id    ALA 
_pdbx_validate_torsion.auth_asym_id    A 
_pdbx_validate_torsion.auth_seq_id     29 
_pdbx_validate_torsion.PDB_ins_code    ? 
_pdbx_validate_torsion.label_alt_id    ? 
_pdbx_validate_torsion.phi             -176.57 
_pdbx_validate_torsion.psi             45.70 
# 
loop_
_chem_comp_atom.comp_id 
_chem_comp_atom.atom_id 
_chem_comp_atom.type_symbol 
_chem_comp_atom.pdbx_aromatic_flag 
_chem_comp_atom.pdbx_stereo_config 
_chem_comp_atom.pdbx_ordinal 
ALA N    N N N 1   
ALA CA   C N S 2   
ALA C    C N N 3   
ALA O    O N N 4   
ALA CB   C N N 5   
ALA OXT  O N N 6   
ALA H    H N N 7   
ALA H2   H N N 8   
ALA HA   H N N 9   
ALA HB1  H N N 10  
ALA HB2  H N N 11  
ALA HB3  H N N 12  
ALA HXT  H N N 13  
ARG N    N N N 14  
ARG CA   C N S 15  
ARG C    C N N 16  
ARG O    O N N 17  
ARG CB   C N N 18  
ARG CG   C N N 19  
ARG CD   C N N 20  
ARG NE   N N N 21  
ARG CZ   C N N 22  
ARG NH1  N N N 23  
ARG NH2  N N N 24  
ARG OXT  O N N 25  
ARG H    H N N 26  
ARG H2   H N N 27  
ARG HA   H N N 28  
ARG HB2  H N N 29  
ARG HB3  H N N 30  
ARG HG2  H N N 31  
ARG HG3  H N N 32  
ARG HD2  H N N 33  
ARG HD3  H N N 34  
ARG HE   H N N 35  
ARG HH11 H N N 36  
ARG HH12 H N N 37  
ARG HH21 H N N 38  
ARG HH22 H N N 39  
ARG HXT  H N N 40  
ASN N    N N N 41  
ASN CA   C N S 42  
ASN C    C N N 43  
ASN O    O N N 44  
ASN CB   C N N 45  
ASN CG   C N N 46  
ASN OD1  O N N 47  
ASN ND2  N N N 48  
ASN OXT  O N N 49  
ASN H    H N N 50  
ASN H2   H N N 51  
ASN HA   H N N 52  
ASN HB2  H N N 53  
ASN HB3  H N N 54  
ASN HD21 H N N 55  
ASN HD22 H N N 56  
ASN HXT  H N N 57  
ASP N    N N N 58  
ASP CA   C N S 59  
ASP C    C N N 60  
ASP O    O N N 61  
ASP CB   C N N 62  
ASP CG   C N N 63  
ASP OD1  O N N 64  
ASP OD2  O N N 65  
ASP OXT  O N N 66  
ASP H    H N N 67  
ASP H2   H N N 68  
ASP HA   H N N 69  
ASP HB2  H N N 70  
ASP HB3  H N N 71  
ASP HD2  H N N 72  
ASP HXT  H N N 73  
CYS N    N N N 74  
CYS CA   C N R 75  
CYS C    C N N 76  
CYS O    O N N 77  
CYS CB   C N N 78  
CYS SG   S N N 79  
CYS OXT  O N N 80  
CYS H    H N N 81  
CYS H2   H N N 82  
CYS HA   H N N 83  
CYS HB2  H N N 84  
CYS HB3  H N N 85  
CYS HG   H N N 86  
CYS HXT  H N N 87  
GLN N    N N N 88  
GLN CA   C N S 89  
GLN C    C N N 90  
GLN O    O N N 91  
GLN CB   C N N 92  
GLN CG   C N N 93  
GLN CD   C N N 94  
GLN OE1  O N N 95  
GLN NE2  N N N 96  
GLN OXT  O N N 97  
GLN H    H N N 98  
GLN H2   H N N 99  
GLN HA   H N N 100 
GLN HB2  H N N 101 
GLN HB3  H N N 102 
GLN HG2  H N N 103 
GLN HG3  H N N 104 
GLN HE21 H N N 105 
GLN HE22 H N N 106 
GLN HXT  H N N 107 
GLY N    N N N 108 
GLY CA   C N N 109 
GLY C    C N N 110 
GLY O    O N N 111 
GLY OXT  O N N 112 
GLY H    H N N 113 
GLY H2   H N N 114 
GLY HA2  H N N 115 
GLY HA3  H N N 116 
GLY HXT  H N N 117 
HOH O    O N N 118 
HOH H1   H N N 119 
HOH H2   H N N 120 
ILE N    N N N 121 
ILE CA   C N S 122 
ILE C    C N N 123 
ILE O    O N N 124 
ILE CB   C N S 125 
ILE CG1  C N N 126 
ILE CG2  C N N 127 
ILE CD1  C N N 128 
ILE OXT  O N N 129 
ILE H    H N N 130 
ILE H2   H N N 131 
ILE HA   H N N 132 
ILE HB   H N N 133 
ILE HG12 H N N 134 
ILE HG13 H N N 135 
ILE HG21 H N N 136 
ILE HG22 H N N 137 
ILE HG23 H N N 138 
ILE HD11 H N N 139 
ILE HD12 H N N 140 
ILE HD13 H N N 141 
ILE HXT  H N N 142 
LEU N    N N N 143 
LEU CA   C N S 144 
LEU C    C N N 145 
LEU O    O N N 146 
LEU CB   C N N 147 
LEU CG   C N N 148 
LEU CD1  C N N 149 
LEU CD2  C N N 150 
LEU OXT  O N N 151 
LEU H    H N N 152 
LEU H2   H N N 153 
LEU HA   H N N 154 
LEU HB2  H N N 155 
LEU HB3  H N N 156 
LEU HG   H N N 157 
LEU HD11 H N N 158 
LEU HD12 H N N 159 
LEU HD13 H N N 160 
LEU HD21 H N N 161 
LEU HD22 H N N 162 
LEU HD23 H N N 163 
LEU HXT  H N N 164 
LYS N    N N N 165 
LYS CA   C N S 166 
LYS C    C N N 167 
LYS O    O N N 168 
LYS CB   C N N 169 
LYS CG   C N N 170 
LYS CD   C N N 171 
LYS CE   C N N 172 
LYS NZ   N N N 173 
LYS OXT  O N N 174 
LYS H    H N N 175 
LYS H2   H N N 176 
LYS HA   H N N 177 
LYS HB2  H N N 178 
LYS HB3  H N N 179 
LYS HG2  H N N 180 
LYS HG3  H N N 181 
LYS HD2  H N N 182 
LYS HD3  H N N 183 
LYS HE2  H N N 184 
LYS HE3  H N N 185 
LYS HZ1  H N N 186 
LYS HZ2  H N N 187 
LYS HZ3  H N N 188 
LYS HXT  H N N 189 
MET N    N N N 190 
MET CA   C N S 191 
MET C    C N N 192 
MET O    O N N 193 
MET CB   C N N 194 
MET CG   C N N 195 
MET SD   S N N 196 
MET CE   C N N 197 
MET OXT  O N N 198 
MET H    H N N 199 
MET H2   H N N 200 
MET HA   H N N 201 
MET HB2  H N N 202 
MET HB3  H N N 203 
MET HG2  H N N 204 
MET HG3  H N N 205 
MET HE1  H N N 206 
MET HE2  H N N 207 
MET HE3  H N N 208 
MET HXT  H N N 209 
PHE N    N N N 210 
PHE CA   C N S 211 
PHE C    C N N 212 
PHE O    O N N 213 
PHE CB   C N N 214 
PHE CG   C Y N 215 
PHE CD1  C Y N 216 
PHE CD2  C Y N 217 
PHE CE1  C Y N 218 
PHE CE2  C Y N 219 
PHE CZ   C Y N 220 
PHE OXT  O N N 221 
PHE H    H N N 222 
PHE H2   H N N 223 
PHE HA   H N N 224 
PHE HB2  H N N 225 
PHE HB3  H N N 226 
PHE HD1  H N N 227 
PHE HD2  H N N 228 
PHE HE1  H N N 229 
PHE HE2  H N N 230 
PHE HZ   H N N 231 
PHE HXT  H N N 232 
PRO N    N N N 233 
PRO CA   C N S 234 
PRO C    C N N 235 
PRO O    O N N 236 
PRO CB   C N N 237 
PRO CG   C N N 238 
PRO CD   C N N 239 
PRO OXT  O N N 240 
PRO H    H N N 241 
PRO HA   H N N 242 
PRO HB2  H N N 243 
PRO HB3  H N N 244 
PRO HG2  H N N 245 
PRO HG3  H N N 246 
PRO HD2  H N N 247 
PRO HD3  H N N 248 
PRO HXT  H N N 249 
SER N    N N N 250 
SER CA   C N S 251 
SER C    C N N 252 
SER O    O N N 253 
SER CB   C N N 254 
SER OG   O N N 255 
SER OXT  O N N 256 
SER H    H N N 257 
SER H2   H N N 258 
SER HA   H N N 259 
SER HB2  H N N 260 
SER HB3  H N N 261 
SER HG   H N N 262 
SER HXT  H N N 263 
THR N    N N N 264 
THR CA   C N S 265 
THR C    C N N 266 
THR O    O N N 267 
THR CB   C N R 268 
THR OG1  O N N 269 
THR CG2  C N N 270 
THR OXT  O N N 271 
THR H    H N N 272 
THR H2   H N N 273 
THR HA   H N N 274 
THR HB   H N N 275 
THR HG1  H N N 276 
THR HG21 H N N 277 
THR HG22 H N N 278 
THR HG23 H N N 279 
THR HXT  H N N 280 
TYR N    N N N 281 
TYR CA   C N S 282 
TYR C    C N N 283 
TYR O    O N N 284 
TYR CB   C N N 285 
TYR CG   C Y N 286 
TYR CD1  C Y N 287 
TYR CD2  C Y N 288 
TYR CE1  C Y N 289 
TYR CE2  C Y N 290 
TYR CZ   C Y N 291 
TYR OH   O N N 292 
TYR OXT  O N N 293 
TYR H    H N N 294 
TYR H2   H N N 295 
TYR HA   H N N 296 
TYR HB2  H N N 297 
TYR HB3  H N N 298 
TYR HD1  H N N 299 
TYR HD2  H N N 300 
TYR HE1  H N N 301 
TYR HE2  H N N 302 
TYR HH   H N N 303 
TYR HXT  H N N 304 
VAL N    N N N 305 
VAL CA   C N S 306 
VAL C    C N N 307 
VAL O    O N N 308 
VAL CB   C N N 309 
VAL CG1  C N N 310 
VAL CG2  C N N 311 
VAL OXT  O N N 312 
VAL H    H N N 313 
VAL H2   H N N 314 
VAL HA   H N N 315 
VAL HB   H N N 316 
VAL HG11 H N N 317 
VAL HG12 H N N 318 
VAL HG13 H N N 319 
VAL HG21 H N N 320 
VAL HG22 H N N 321 
VAL HG23 H N N 322 
VAL HXT  H N N 323 
# 
loop_
_chem_comp_bond.comp_id 
_chem_comp_bond.atom_id_1 
_chem_comp_bond.atom_id_2 
_chem_comp_bond.value_order 
_chem_comp_bond.pdbx_aromatic_flag 
_chem_comp_bond.pdbx_stereo_config 
_chem_comp_bond.pdbx_ordinal 
ALA N   CA   sing N N 1   
ALA N   H    sing N N 2   
ALA N   H2   sing N N 3   
ALA CA  C    sing N N 4   
ALA CA  CB   sing N N 5   
ALA CA  HA   sing N N 6   
ALA C   O    doub N N 7   
ALA C   OXT  sing N N 8   
ALA CB  HB1  sing N N 9   
ALA CB  HB2  sing N N 10  
ALA CB  HB3  sing N N 11  
ALA OXT HXT  sing N N 12  
ARG N   CA   sing N N 13  
ARG N   H    sing N N 14  
ARG N   H2   sing N N 15  
ARG CA  C    sing N N 16  
ARG CA  CB   sing N N 17  
ARG CA  HA   sing N N 18  
ARG C   O    doub N N 19  
ARG C   OXT  sing N N 20  
ARG CB  CG   sing N N 21  
ARG CB  HB2  sing N N 22  
ARG CB  HB3  sing N N 23  
ARG CG  CD   sing N N 24  
ARG CG  HG2  sing N N 25  
ARG CG  HG3  sing N N 26  
ARG CD  NE   sing N N 27  
ARG CD  HD2  sing N N 28  
ARG CD  HD3  sing N N 29  
ARG NE  CZ   sing N N 30  
ARG NE  HE   sing N N 31  
ARG CZ  NH1  sing N N 32  
ARG CZ  NH2  doub N N 33  
ARG NH1 HH11 sing N N 34  
ARG NH1 HH12 sing N N 35  
ARG NH2 HH21 sing N N 36  
ARG NH2 HH22 sing N N 37  
ARG OXT HXT  sing N N 38  
ASN N   CA   sing N N 39  
ASN N   H    sing N N 40  
ASN N   H2   sing N N 41  
ASN CA  C    sing N N 42  
ASN CA  CB   sing N N 43  
ASN CA  HA   sing N N 44  
ASN C   O    doub N N 45  
ASN C   OXT  sing N N 46  
ASN CB  CG   sing N N 47  
ASN CB  HB2  sing N N 48  
ASN CB  HB3  sing N N 49  
ASN CG  OD1  doub N N 50  
ASN CG  ND2  sing N N 51  
ASN ND2 HD21 sing N N 52  
ASN ND2 HD22 sing N N 53  
ASN OXT HXT  sing N N 54  
ASP N   CA   sing N N 55  
ASP N   H    sing N N 56  
ASP N   H2   sing N N 57  
ASP CA  C    sing N N 58  
ASP CA  CB   sing N N 59  
ASP CA  HA   sing N N 60  
ASP C   O    doub N N 61  
ASP C   OXT  sing N N 62  
ASP CB  CG   sing N N 63  
ASP CB  HB2  sing N N 64  
ASP CB  HB3  sing N N 65  
ASP CG  OD1  doub N N 66  
ASP CG  OD2  sing N N 67  
ASP OD2 HD2  sing N N 68  
ASP OXT HXT  sing N N 69  
CYS N   CA   sing N N 70  
CYS N   H    sing N N 71  
CYS N   H2   sing N N 72  
CYS CA  C    sing N N 73  
CYS CA  CB   sing N N 74  
CYS CA  HA   sing N N 75  
CYS C   O    doub N N 76  
CYS C   OXT  sing N N 77  
CYS CB  SG   sing N N 78  
CYS CB  HB2  sing N N 79  
CYS CB  HB3  sing N N 80  
CYS SG  HG   sing N N 81  
CYS OXT HXT  sing N N 82  
GLN N   CA   sing N N 83  
GLN N   H    sing N N 84  
GLN N   H2   sing N N 85  
GLN CA  C    sing N N 86  
GLN CA  CB   sing N N 87  
GLN CA  HA   sing N N 88  
GLN C   O    doub N N 89  
GLN C   OXT  sing N N 90  
GLN CB  CG   sing N N 91  
GLN CB  HB2  sing N N 92  
GLN CB  HB3  sing N N 93  
GLN CG  CD   sing N N 94  
GLN CG  HG2  sing N N 95  
GLN CG  HG3  sing N N 96  
GLN CD  OE1  doub N N 97  
GLN CD  NE2  sing N N 98  
GLN NE2 HE21 sing N N 99  
GLN NE2 HE22 sing N N 100 
GLN OXT HXT  sing N N 101 
GLY N   CA   sing N N 102 
GLY N   H    sing N N 103 
GLY N   H2   sing N N 104 
GLY CA  C    sing N N 105 
GLY CA  HA2  sing N N 106 
GLY CA  HA3  sing N N 107 
GLY C   O    doub N N 108 
GLY C   OXT  sing N N 109 
GLY OXT HXT  sing N N 110 
HOH O   H1   sing N N 111 
HOH O   H2   sing N N 112 
ILE N   CA   sing N N 113 
ILE N   H    sing N N 114 
ILE N   H2   sing N N 115 
ILE CA  C    sing N N 116 
ILE CA  CB   sing N N 117 
ILE CA  HA   sing N N 118 
ILE C   O    doub N N 119 
ILE C   OXT  sing N N 120 
ILE CB  CG1  sing N N 121 
ILE CB  CG2  sing N N 122 
ILE CB  HB   sing N N 123 
ILE CG1 CD1  sing N N 124 
ILE CG1 HG12 sing N N 125 
ILE CG1 HG13 sing N N 126 
ILE CG2 HG21 sing N N 127 
ILE CG2 HG22 sing N N 128 
ILE CG2 HG23 sing N N 129 
ILE CD1 HD11 sing N N 130 
ILE CD1 HD12 sing N N 131 
ILE CD1 HD13 sing N N 132 
ILE OXT HXT  sing N N 133 
LEU N   CA   sing N N 134 
LEU N   H    sing N N 135 
LEU N   H2   sing N N 136 
LEU CA  C    sing N N 137 
LEU CA  CB   sing N N 138 
LEU CA  HA   sing N N 139 
LEU C   O    doub N N 140 
LEU C   OXT  sing N N 141 
LEU CB  CG   sing N N 142 
LEU CB  HB2  sing N N 143 
LEU CB  HB3  sing N N 144 
LEU CG  CD1  sing N N 145 
LEU CG  CD2  sing N N 146 
LEU CG  HG   sing N N 147 
LEU CD1 HD11 sing N N 148 
LEU CD1 HD12 sing N N 149 
LEU CD1 HD13 sing N N 150 
LEU CD2 HD21 sing N N 151 
LEU CD2 HD22 sing N N 152 
LEU CD2 HD23 sing N N 153 
LEU OXT HXT  sing N N 154 
LYS N   CA   sing N N 155 
LYS N   H    sing N N 156 
LYS N   H2   sing N N 157 
LYS CA  C    sing N N 158 
LYS CA  CB   sing N N 159 
LYS CA  HA   sing N N 160 
LYS C   O    doub N N 161 
LYS C   OXT  sing N N 162 
LYS CB  CG   sing N N 163 
LYS CB  HB2  sing N N 164 
LYS CB  HB3  sing N N 165 
LYS CG  CD   sing N N 166 
LYS CG  HG2  sing N N 167 
LYS CG  HG3  sing N N 168 
LYS CD  CE   sing N N 169 
LYS CD  HD2  sing N N 170 
LYS CD  HD3  sing N N 171 
LYS CE  NZ   sing N N 172 
LYS CE  HE2  sing N N 173 
LYS CE  HE3  sing N N 174 
LYS NZ  HZ1  sing N N 175 
LYS NZ  HZ2  sing N N 176 
LYS NZ  HZ3  sing N N 177 
LYS OXT HXT  sing N N 178 
MET N   CA   sing N N 179 
MET N   H    sing N N 180 
MET N   H2   sing N N 181 
MET CA  C    sing N N 182 
MET CA  CB   sing N N 183 
MET CA  HA   sing N N 184 
MET C   O    doub N N 185 
MET C   OXT  sing N N 186 
MET CB  CG   sing N N 187 
MET CB  HB2  sing N N 188 
MET CB  HB3  sing N N 189 
MET CG  SD   sing N N 190 
MET CG  HG2  sing N N 191 
MET CG  HG3  sing N N 192 
MET SD  CE   sing N N 193 
MET CE  HE1  sing N N 194 
MET CE  HE2  sing N N 195 
MET CE  HE3  sing N N 196 
MET OXT HXT  sing N N 197 
PHE N   CA   sing N N 198 
PHE N   H    sing N N 199 
PHE N   H2   sing N N 200 
PHE CA  C    sing N N 201 
PHE CA  CB   sing N N 202 
PHE CA  HA   sing N N 203 
PHE C   O    doub N N 204 
PHE C   OXT  sing N N 205 
PHE CB  CG   sing N N 206 
PHE CB  HB2  sing N N 207 
PHE CB  HB3  sing N N 208 
PHE CG  CD1  doub Y N 209 
PHE CG  CD2  sing Y N 210 
PHE CD1 CE1  sing Y N 211 
PHE CD1 HD1  sing N N 212 
PHE CD2 CE2  doub Y N 213 
PHE CD2 HD2  sing N N 214 
PHE CE1 CZ   doub Y N 215 
PHE CE1 HE1  sing N N 216 
PHE CE2 CZ   sing Y N 217 
PHE CE2 HE2  sing N N 218 
PHE CZ  HZ   sing N N 219 
PHE OXT HXT  sing N N 220 
PRO N   CA   sing N N 221 
PRO N   CD   sing N N 222 
PRO N   H    sing N N 223 
PRO CA  C    sing N N 224 
PRO CA  CB   sing N N 225 
PRO CA  HA   sing N N 226 
PRO C   O    doub N N 227 
PRO C   OXT  sing N N 228 
PRO CB  CG   sing N N 229 
PRO CB  HB2  sing N N 230 
PRO CB  HB3  sing N N 231 
PRO CG  CD   sing N N 232 
PRO CG  HG2  sing N N 233 
PRO CG  HG3  sing N N 234 
PRO CD  HD2  sing N N 235 
PRO CD  HD3  sing N N 236 
PRO OXT HXT  sing N N 237 
SER N   CA   sing N N 238 
SER N   H    sing N N 239 
SER N   H2   sing N N 240 
SER CA  C    sing N N 241 
SER CA  CB   sing N N 242 
SER CA  HA   sing N N 243 
SER C   O    doub N N 244 
SER C   OXT  sing N N 245 
SER CB  OG   sing N N 246 
SER CB  HB2  sing N N 247 
SER CB  HB3  sing N N 248 
SER OG  HG   sing N N 249 
SER OXT HXT  sing N N 250 
THR N   CA   sing N N 251 
THR N   H    sing N N 252 
THR N   H2   sing N N 253 
THR CA  C    sing N N 254 
THR CA  CB   sing N N 255 
THR CA  HA   sing N N 256 
THR C   O    doub N N 257 
THR C   OXT  sing N N 258 
THR CB  OG1  sing N N 259 
THR CB  CG2  sing N N 260 
THR CB  HB   sing N N 261 
THR OG1 HG1  sing N N 262 
THR CG2 HG21 sing N N 263 
THR CG2 HG22 sing N N 264 
THR CG2 HG23 sing N N 265 
THR OXT HXT  sing N N 266 
TYR N   CA   sing N N 267 
TYR N   H    sing N N 268 
TYR N   H2   sing N N 269 
TYR CA  C    sing N N 270 
TYR CA  CB   sing N N 271 
TYR CA  HA   sing N N 272 
TYR C   O    doub N N 273 
TYR C   OXT  sing N N 274 
TYR CB  CG   sing N N 275 
TYR CB  HB2  sing N N 276 
TYR CB  HB3  sing N N 277 
TYR CG  CD1  doub Y N 278 
TYR CG  CD2  sing Y N 279 
TYR CD1 CE1  sing Y N 280 
TYR CD1 HD1  sing N N 281 
TYR CD2 CE2  doub Y N 282 
TYR CD2 HD2  sing N N 283 
TYR CE1 CZ   doub Y N 284 
TYR CE1 HE1  sing N N 285 
TYR CE2 CZ   sing Y N 286 
TYR CE2 HE2  sing N N 287 
TYR CZ  OH   sing N N 288 
TYR OH  HH   sing N N 289 
TYR OXT HXT  sing N N 290 
VAL N   CA   sing N N 291 
VAL N   H    sing N N 292 
VAL N   H2   sing N N 293 
VAL CA  C    sing N N 294 
VAL CA  CB   sing N N 295 
VAL CA  HA   sing N N 296 
VAL C   O    doub N N 297 
VAL C   OXT  sing N N 298 
VAL CB  CG1  sing N N 299 
VAL CB  CG2  sing N N 300 
VAL CB  HB   sing N N 301 
VAL CG1 HG11 sing N N 302 
VAL CG1 HG12 sing N N 303 
VAL CG1 HG13 sing N N 304 
VAL CG2 HG21 sing N N 305 
VAL CG2 HG22 sing N N 306 
VAL CG2 HG23 sing N N 307 
VAL OXT HXT  sing N N 308 
# 
_atom_sites.entry_id                    1UG4 
_atom_sites.fract_transf_matrix[1][1]   0.01682536 
_atom_sites.fract_transf_matrix[1][2]   0.01861675 
_atom_sites.fract_transf_matrix[1][3]   -0.01482580 
_atom_sites.fract_transf_matrix[2][1]   -0.00809879 
_atom_sites.fract_transf_matrix[2][2]   0.02785095 
_atom_sites.fract_transf_matrix[2][3]   -0.00286768 
_atom_sites.fract_transf_matrix[3][1]   0.00318243 
_atom_sites.fract_transf_matrix[3][2]   0.00148993 
_atom_sites.fract_transf_matrix[3][3]   0.00548255 
_atom_sites.fract_transf_vector[1]      2.088648 
_atom_sites.fract_transf_vector[2]      0.298438 
_atom_sites.fract_transf_vector[3]      -0.579441 
# 
loop_
_atom_type.symbol 
C 
N 
O 
S 
# 
loop_
_atom_site.group_PDB 
_atom_site.id 
_atom_site.type_symbol 
_atom_site.label_atom_id 
_atom_site.label_alt_id 
_atom_site.label_comp_id 
_atom_site.label_asym_id 
_atom_site.label_entity_id 
_atom_site.label_seq_id 
_atom_site.pdbx_PDB_ins_code 
_atom_site.Cartn_x 
_atom_site.Cartn_y 
_atom_site.Cartn_z 
_atom_site.occupancy 
_atom_site.B_iso_or_equiv 
_atom_site.pdbx_formal_charge 
_atom_site.auth_seq_id 
_atom_site.auth_comp_id 
_atom_site.auth_asym_id 
_atom_site.auth_atom_id 
_atom_site.pdbx_PDB_model_num 
ATOM   1   N N   . LEU A 1 1  ? 10.774  5.831   6.330   1.00 20.53 ? 1  LEU A N   1 
ATOM   2   C CA  . LEU A 1 1  ? 10.253  4.702   5.498   1.00 20.21 ? 1  LEU A CA  1 
ATOM   3   C C   . LEU A 1 1  ? 9.977   5.158   4.074   1.00 20.42 ? 1  LEU A C   1 
ATOM   4   O O   . LEU A 1 1  ? 9.588   6.306   3.849   1.00 21.60 ? 1  LEU A O   1 
ATOM   5   C CB  . LEU A 1 1  ? 8.964   4.159   6.111   1.00 18.83 ? 1  LEU A CB  1 
ATOM   6   C CG  . LEU A 1 1  ? 8.204   3.068   5.337   1.00 16.78 ? 1  LEU A CG  1 
ATOM   7   C CD1 . LEU A 1 1  ? 9.034   1.778   5.271   1.00 18.49 ? 1  LEU A CD1 1 
ATOM   8   C CD2 . LEU A 1 1  ? 6.871   2.814   6.012   1.00 16.00 ? 1  LEU A CD2 1 
ATOM   9   N N   . LYS A 1 2  ? 10.195  4.257   3.121   1.00 20.11 ? 2  LYS A N   1 
ATOM   10  C CA  . LYS A 1 2  ? 9.943   4.527   1.708   1.00 20.38 ? 2  LYS A CA  1 
ATOM   11  C C   . LYS A 1 2  ? 9.043   3.409   1.194   1.00 19.90 ? 2  LYS A C   1 
ATOM   12  O O   . LYS A 1 2  ? 9.292   2.236   1.456   1.00 19.84 ? 2  LYS A O   1 
ATOM   13  C CB  . LYS A 1 2  ? 11.248  4.521   0.907   1.00 23.34 ? 2  LYS A CB  1 
ATOM   14  C CG  . LYS A 1 2  ? 12.223  5.637   1.263   1.00 29.02 ? 2  LYS A CG  1 
ATOM   15  C CD  . LYS A 1 2  ? 13.448  5.591   0.363   1.00 32.74 ? 2  LYS A CD  1 
ATOM   16  C CE  . LYS A 1 2  ? 14.367  6.786   0.596   1.00 35.64 ? 2  LYS A CE  1 
ATOM   17  N NZ  . LYS A 1 2  ? 14.848  6.887   2.007   1.00 38.20 ? 2  LYS A NZ  1 
ATOM   18  N N   . CYS A 1 3  ? 7.998   3.769   0.459   1.00 18.71 ? 3  CYS A N   1 
ATOM   19  C CA  . CYS A 1 3  ? 7.089   2.768   -0.082  1.00 17.57 ? 3  CYS A CA  1 
ATOM   20  C C   . CYS A 1 3  ? 6.984   2.902   -1.584  1.00 19.22 ? 3  CYS A C   1 
ATOM   21  O O   . CYS A 1 3  ? 7.218   3.970   -2.131  1.00 19.32 ? 3  CYS A O   1 
ATOM   22  C CB  . CYS A 1 3  ? 5.694   2.941   0.505   1.00 18.44 ? 3  CYS A CB  1 
ATOM   23  S SG  . CYS A 1 3  ? 5.614   2.835   2.318   1.00 20.07 ? 3  CYS A SG  1 
ATOM   24  N N   . ASN A 1 4  ? 6.619   1.814   -2.245  1.00 15.76 ? 4  ASN A N   1 
ATOM   25  C CA  . ASN A 1 4  ? 6.434   1.845   -3.681  1.00 17.68 ? 4  ASN A CA  1 
ATOM   26  C C   . ASN A 1 4  ? 5.059   2.454   -3.945  1.00 19.45 ? 4  ASN A C   1 
ATOM   27  O O   . ASN A 1 4  ? 4.178   2.409   -3.083  1.00 20.44 ? 4  ASN A O   1 
ATOM   28  C CB  . ASN A 1 4  ? 6.475   0.429   -4.250  1.00 16.85 ? 4  ASN A CB  1 
ATOM   29  C CG  . ASN A 1 4  ? 7.838   -0.217  -4.091  1.00 15.11 ? 4  ASN A CG  1 
ATOM   30  O OD1 . ASN A 1 4  ? 8.851   0.373   -4.456  1.00 17.35 ? 4  ASN A OD1 1 
ATOM   31  N ND2 . ASN A 1 4  ? 7.866   -1.432  -3.559  1.00 17.00 ? 4  ASN A ND2 1 
ATOM   32  N N   . GLN A 1 5  ? 4.895   3.047   -5.123  1.00 19.74 ? 5  GLN A N   1 
ATOM   33  C CA  . GLN A 1 5  ? 3.616   3.623   -5.527  1.00 22.12 ? 5  GLN A CA  1 
ATOM   34  C C   . GLN A 1 5  ? 3.480   3.418   -7.028  1.00 22.41 ? 5  GLN A C   1 
ATOM   35  O O   . GLN A 1 5  ? 4.456   3.113   -7.709  1.00 21.64 ? 5  GLN A O   1 
ATOM   36  C CB  . GLN A 1 5  ? 3.521   5.114   -5.186  1.00 21.06 ? 5  GLN A CB  1 
ATOM   37  C CG  . GLN A 1 5  ? 4.604   5.991   -5.774  1.00 23.45 ? 5  GLN A CG  1 
ATOM   38  C CD  . GLN A 1 5  ? 4.320   7.464   -5.540  1.00 25.74 ? 5  GLN A CD  1 
ATOM   39  O OE1 . GLN A 1 5  ? 3.757   7.837   -4.513  1.00 24.33 ? 5  GLN A OE1 1 
ATOM   40  N NE2 . GLN A 1 5  ? 4.717   8.306   -6.485  1.00 26.21 ? 5  GLN A NE2 1 
ATOM   41  N N   . LEU A 1 6  ? 2.269   3.595   -7.536  1.00 27.04 ? 6  LEU A N   1 
ATOM   42  C CA  . LEU A 1 6  ? 1.984   3.399   -8.954  1.00 29.86 ? 6  LEU A CA  1 
ATOM   43  C C   . LEU A 1 6  ? 2.495   4.495   -9.898  1.00 31.72 ? 6  LEU A C   1 
ATOM   44  O O   . LEU A 1 6  ? 2.817   4.218   -11.054 1.00 33.30 ? 6  LEU A O   1 
ATOM   45  C CB  . LEU A 1 6  ? 0.473   3.228   -9.144  1.00 30.55 ? 6  LEU A CB  1 
ATOM   46  C CG  . LEU A 1 6  ? -0.191  2.142   -8.288  1.00 33.14 ? 6  LEU A CG  1 
ATOM   47  C CD1 . LEU A 1 6  ? -1.699  2.248   -8.408  1.00 33.32 ? 6  LEU A CD1 1 
ATOM   48  C CD2 . LEU A 1 6  ? 0.293   0.764   -8.718  1.00 34.03 ? 6  LEU A CD2 1 
ATOM   49  N N   . ILE A 1 7  ? 2.567   5.726   -9.405  1.00 32.23 ? 7  ILE A N   1 
ATOM   50  C CA  . ILE A 1 7  ? 3.013   6.869   -10.202 1.00 33.24 ? 7  ILE A CA  1 
ATOM   51  C C   . ILE A 1 7  ? 4.524   7.104   -10.099 1.00 32.91 ? 7  ILE A C   1 
ATOM   52  O O   . ILE A 1 7  ? 5.137   6.807   -9.070  1.00 31.73 ? 7  ILE A O   1 
ATOM   53  C CB  . ILE A 1 7  ? 2.292   8.158   -9.725  1.00 34.94 ? 7  ILE A CB  1 
ATOM   54  C CG1 . ILE A 1 7  ? 0.786   7.907   -9.631  1.00 35.47 ? 7  ILE A CG1 1 
ATOM   55  C CG2 . ILE A 1 7  ? 2.573   9.313   -10.672 1.00 37.08 ? 7  ILE A CG2 1 
ATOM   56  C CD1 . ILE A 1 7  ? 0.013   9.067   -9.035  1.00 36.47 ? 7  ILE A CD1 1 
ATOM   57  N N   . PRO A 1 8  ? 5.151   7.626   -11.169 1.00 31.48 ? 8  PRO A N   1 
ATOM   58  C CA  . PRO A 1 8  ? 6.594   7.884   -11.123 1.00 31.34 ? 8  PRO A CA  1 
ATOM   59  C C   . PRO A 1 8  ? 6.859   8.903   -10.011 1.00 30.99 ? 8  PRO A C   1 
ATOM   60  O O   . PRO A 1 8  ? 6.009   9.745   -9.736  1.00 32.31 ? 8  PRO A O   1 
ATOM   61  C CB  . PRO A 1 8  ? 6.882   8.467   -12.503 1.00 32.92 ? 8  PRO A CB  1 
ATOM   62  C CG  . PRO A 1 8  ? 5.867   7.789   -13.373 1.00 33.46 ? 8  PRO A CG  1 
ATOM   63  C CD  . PRO A 1 8  ? 4.621   7.858   -12.526 1.00 32.51 ? 8  PRO A CD  1 
ATOM   64  N N   . PRO A 1 9  ? 8.034   8.854   -9.367  1.00 30.16 ? 9  PRO A N   1 
ATOM   65  C CA  . PRO A 1 9  ? 9.169   7.947   -9.557  1.00 29.04 ? 9  PRO A CA  1 
ATOM   66  C C   . PRO A 1 9  ? 8.970   6.532   -9.021  1.00 27.16 ? 9  PRO A C   1 
ATOM   67  O O   . PRO A 1 9  ? 9.937   5.799   -8.828  1.00 27.57 ? 9  PRO A O   1 
ATOM   68  C CB  . PRO A 1 9  ? 10.311  8.679   -8.861  1.00 29.56 ? 9  PRO A CB  1 
ATOM   69  C CG  . PRO A 1 9  ? 9.617   9.344   -7.724  1.00 30.19 ? 9  PRO A CG  1 
ATOM   70  C CD  . PRO A 1 9  ? 8.356   9.887   -8.366  1.00 29.69 ? 9  PRO A CD  1 
ATOM   71  N N   . PHE A 1 10 ? 7.718   6.161   -8.768  1.00 27.06 ? 10 PHE A N   1 
ATOM   72  C CA  . PHE A 1 10 ? 7.365   4.815   -8.310  1.00 26.67 ? 10 PHE A CA  1 
ATOM   73  C C   . PHE A 1 10 ? 7.718   4.454   -6.873  1.00 26.49 ? 10 PHE A C   1 
ATOM   74  O O   . PHE A 1 10 ? 7.636   3.289   -6.477  1.00 24.69 ? 10 PHE A O   1 
ATOM   75  C CB  . PHE A 1 10 ? 7.966   3.788   -9.267  1.00 28.00 ? 10 PHE A CB  1 
ATOM   76  C CG  . PHE A 1 10 ? 7.605   4.028   -10.699 1.00 30.38 ? 10 PHE A CG  1 
ATOM   77  C CD1 . PHE A 1 10 ? 6.273   4.034   -11.098 1.00 30.60 ? 10 PHE A CD1 1 
ATOM   78  C CD2 . PHE A 1 10 ? 8.591   4.278   -11.647 1.00 31.22 ? 10 PHE A CD2 1 
ATOM   79  C CE1 . PHE A 1 10 ? 5.925   4.288   -12.423 1.00 33.31 ? 10 PHE A CE1 1 
ATOM   80  C CE2 . PHE A 1 10 ? 8.254   4.532   -12.974 1.00 32.46 ? 10 PHE A CE2 1 
ATOM   81  C CZ  . PHE A 1 10 ? 6.919   4.538   -13.361 1.00 32.24 ? 10 PHE A CZ  1 
ATOM   82  N N   . TYR A 1 11 ? 8.113   5.454   -6.099  1.00 27.23 ? 11 TYR A N   1 
ATOM   83  C CA  . TYR A 1 11 ? 8.446   5.255   -4.702  1.00 30.28 ? 11 TYR A CA  1 
ATOM   84  C C   . TYR A 1 11 ? 8.248   6.600   -4.042  1.00 30.35 ? 11 TYR A C   1 
ATOM   85  O O   . TYR A 1 11 ? 8.233   7.632   -4.717  1.00 29.16 ? 11 TYR A O   1 
ATOM   86  C CB  . TYR A 1 11 ? 9.904   4.812   -4.549  1.00 34.02 ? 11 TYR A CB  1 
ATOM   87  C CG  . TYR A 1 11 ? 10.915  5.855   -4.974  1.00 39.38 ? 11 TYR A CG  1 
ATOM   88  C CD1 . TYR A 1 11 ? 11.229  6.934   -4.145  1.00 42.72 ? 11 TYR A CD1 1 
ATOM   89  C CD2 . TYR A 1 11 ? 11.544  5.777   -6.215  1.00 41.03 ? 11 TYR A CD2 1 
ATOM   90  C CE1 . TYR A 1 11 ? 12.142  7.910   -4.547  1.00 44.62 ? 11 TYR A CE1 1 
ATOM   91  C CE2 . TYR A 1 11 ? 12.457  6.744   -6.625  1.00 43.58 ? 11 TYR A CE2 1 
ATOM   92  C CZ  . TYR A 1 11 ? 12.751  7.807   -5.789  1.00 44.18 ? 11 TYR A CZ  1 
ATOM   93  O OH  . TYR A 1 11 ? 13.649  8.767   -6.199  1.00 45.80 ? 11 TYR A OH  1 
ATOM   94  N N   . LYS A 1 12 ? 8.087   6.597   -2.727  1.00 29.13 ? 12 LYS A N   1 
ATOM   95  C CA  . LYS A 1 12 ? 7.921   7.850   -2.021  1.00 29.90 ? 12 LYS A CA  1 
ATOM   96  C C   . LYS A 1 12 ? 8.261   7.718   -0.547  1.00 28.30 ? 12 LYS A C   1 
ATOM   97  O O   . LYS A 1 12 ? 7.971   6.704   0.095   1.00 25.30 ? 12 LYS A O   1 
ATOM   98  C CB  . LYS A 1 12 ? 6.496   8.377   -2.204  1.00 32.75 ? 12 LYS A CB  1 
ATOM   99  C CG  . LYS A 1 12 ? 5.444   7.700   -1.358  1.00 35.69 ? 12 LYS A CG  1 
ATOM   100 C CD  . LYS A 1 12 ? 5.055   8.579   -0.179  1.00 38.86 ? 12 LYS A CD  1 
ATOM   101 C CE  . LYS A 1 12 ? 4.333   9.846   -0.632  1.00 40.53 ? 12 LYS A CE  1 
ATOM   102 N NZ  . LYS A 1 12 ? 5.165   10.705  -1.524  1.00 41.38 ? 12 LYS A NZ  1 
ATOM   103 N N   . THR A 1 13 ? 8.908   8.752   -0.028  1.00 26.21 ? 13 THR A N   1 
ATOM   104 C CA  . THR A 1 13 ? 9.283   8.785   1.373   1.00 25.44 ? 13 THR A CA  1 
ATOM   105 C C   . THR A 1 13 ? 8.042   9.182   2.155   1.00 24.42 ? 13 THR A C   1 
ATOM   106 O O   . THR A 1 13 ? 7.413   10.214  1.892   1.00 24.25 ? 13 THR A O   1 
ATOM   107 C CB  . THR A 1 13 ? 10.412  9.797   1.612   1.00 25.83 ? 13 THR A CB  1 
ATOM   108 O OG1 . THR A 1 13 ? 11.546  9.428   0.816   1.00 29.22 ? 13 THR A OG1 1 
ATOM   109 C CG2 . THR A 1 13 ? 10.809  9.819   3.088   1.00 27.20 ? 13 THR A CG2 1 
ATOM   110 N N   . CYS A 1 14 ? 7.679   8.341   3.111   1.00 23.72 ? 14 CYS A N   1 
ATOM   111 C CA  . CYS A 1 14 ? 6.503   8.578   3.924   1.00 23.94 ? 14 CYS A CA  1 
ATOM   112 C C   . CYS A 1 14 ? 6.693   9.735   4.881   1.00 26.15 ? 14 CYS A C   1 
ATOM   113 O O   . CYS A 1 14 ? 7.760   9.894   5.464   1.00 24.42 ? 14 CYS A O   1 
ATOM   114 C CB  . CYS A 1 14 ? 6.166   7.330   4.732   1.00 23.68 ? 14 CYS A CB  1 
ATOM   115 S SG  . CYS A 1 14 ? 5.980   5.818   3.739   1.00 21.72 ? 14 CYS A SG  1 
ATOM   116 N N   . ALA A 1 15 ? 5.650   10.541  5.038   1.00 26.42 ? 15 ALA A N   1 
ATOM   117 C CA  . ALA A 1 15 ? 5.706   11.665  5.960   1.00 29.58 ? 15 ALA A CA  1 
ATOM   118 C C   . ALA A 1 15 ? 5.618   11.059  7.352   1.00 31.17 ? 15 ALA A C   1 
ATOM   119 O O   . ALA A 1 15 ? 5.246   9.894   7.501   1.00 31.92 ? 15 ALA A O   1 
ATOM   120 C CB  . ALA A 1 15 ? 4.535   12.607  5.722   1.00 26.64 ? 15 ALA A CB  1 
ATOM   121 N N   . ALA A 1 16 ? 5.967   11.841  8.367   1.00 33.00 ? 16 ALA A N   1 
ATOM   122 C CA  . ALA A 1 16 ? 5.901   11.354  9.737   1.00 34.95 ? 16 ALA A CA  1 
ATOM   123 C C   . ALA A 1 16 ? 4.450   10.990  10.028  1.00 35.61 ? 16 ALA A C   1 
ATOM   124 O O   . ALA A 1 16 ? 3.530   11.711  9.638   1.00 36.11 ? 16 ALA A O   1 
ATOM   125 C CB  . ALA A 1 16 ? 6.387   12.429  10.706  1.00 35.67 ? 16 ALA A CB  1 
ATOM   126 N N   . GLY A 1 17 ? 4.253   9.867   10.708  1.00 36.27 ? 17 GLY A N   1 
ATOM   127 C CA  . GLY A 1 17 ? 2.910   9.425   11.026  1.00 36.90 ? 17 GLY A CA  1 
ATOM   128 C C   . GLY A 1 17 ? 2.577   8.183   10.225  1.00 37.93 ? 17 GLY A C   1 
ATOM   129 O O   . GLY A 1 17 ? 1.868   7.295   10.700  1.00 39.58 ? 17 GLY A O   1 
ATOM   130 N N   . LYS A 1 18 ? 3.101   8.124   9.003   1.00 36.96 ? 18 LYS A N   1 
ATOM   131 C CA  . LYS A 1 18 ? 2.868   6.989   8.118   1.00 35.01 ? 18 LYS A CA  1 
ATOM   132 C C   . LYS A 1 18 ? 4.057   6.031   8.191   1.00 32.32 ? 18 LYS A C   1 
ATOM   133 O O   . LYS A 1 18 ? 5.056   6.216   7.496   1.00 32.80 ? 18 LYS A O   1 
ATOM   134 C CB  . LYS A 1 18 ? 2.694   7.473   6.677   1.00 36.07 ? 18 LYS A CB  1 
ATOM   135 C CG  . LYS A 1 18 ? 1.694   8.613   6.494   1.00 37.61 ? 18 LYS A CG  1 
ATOM   136 C CD  . LYS A 1 18 ? 0.316   8.267   7.043   1.00 39.90 ? 18 LYS A CD  1 
ATOM   137 C CE  . LYS A 1 18 ? -0.718  9.303   6.617   1.00 39.82 ? 18 LYS A CE  1 
ATOM   138 N NZ  . LYS A 1 18 ? -0.319  10.681  6.999   1.00 37.97 ? 18 LYS A NZ  1 
ATOM   139 N N   . ASN A 1 19 ? 3.948   5.006   9.029   1.00 30.66 ? 19 ASN A N   1 
ATOM   140 C CA  . ASN A 1 19 ? 5.028   4.040   9.178   1.00 29.76 ? 19 ASN A CA  1 
ATOM   141 C C   . ASN A 1 19 ? 4.708   2.662   8.611   1.00 27.88 ? 19 ASN A C   1 
ATOM   142 O O   . ASN A 1 19 ? 5.241   1.650   9.063   1.00 28.65 ? 19 ASN A O   1 
ATOM   143 C CB  . ASN A 1 19 ? 5.422   3.920   10.649  1.00 31.83 ? 19 ASN A CB  1 
ATOM   144 C CG  . ASN A 1 19 ? 4.284   4.250   11.588  1.00 31.55 ? 19 ASN A CG  1 
ATOM   145 O OD1 . ASN A 1 19 ? 3.179   3.727   11.451  1.00 31.58 ? 19 ASN A OD1 1 
ATOM   146 N ND2 . ASN A 1 19 ? 4.550   5.121   12.555  1.00 31.97 ? 19 ASN A ND2 1 
ATOM   147 N N   . LEU A 1 20 ? 3.842   2.634   7.607   1.00 26.08 ? 20 LEU A N   1 
ATOM   148 C CA  . LEU A 1 20 ? 3.459   1.388   6.955   1.00 24.36 ? 20 LEU A CA  1 
ATOM   149 C C   . LEU A 1 20 ? 3.331   1.613   5.462   1.00 22.88 ? 20 LEU A C   1 
ATOM   150 O O   . LEU A 1 20 ? 2.991   2.715   5.025   1.00 21.53 ? 20 LEU A O   1 
ATOM   151 C CB  . LEU A 1 20 ? 2.102   0.890   7.468   1.00 25.12 ? 20 LEU A CB  1 
ATOM   152 C CG  . LEU A 1 20 ? 1.975   0.201   8.827   1.00 27.91 ? 20 LEU A CG  1 
ATOM   153 C CD1 . LEU A 1 20 ? 0.520   -0.129  9.076   1.00 27.50 ? 20 LEU A CD1 1 
ATOM   154 C CD2 . LEU A 1 20 ? 2.808   -1.072  8.847   1.00 27.50 ? 20 LEU A CD2 1 
ATOM   155 N N   . CYS A 1 21 ? 3.629   0.572   4.692   1.00 19.19 ? 21 CYS A N   1 
ATOM   156 C CA  . CYS A 1 21 ? 3.467   0.596   3.242   1.00 18.01 ? 21 CYS A CA  1 
ATOM   157 C C   . CYS A 1 21 ? 2.275   -0.325  3.043   1.00 18.54 ? 21 CYS A C   1 
ATOM   158 O O   . CYS A 1 21 ? 2.060   -1.234  3.840   1.00 18.83 ? 21 CYS A O   1 
ATOM   159 C CB  . CYS A 1 21 ? 4.662   -0.017  2.519   1.00 19.02 ? 21 CYS A CB  1 
ATOM   160 S SG  . CYS A 1 21 ? 6.203   0.926   2.666   1.00 18.69 ? 21 CYS A SG  1 
ATOM   161 N N   . TYR A 1 22 ? 1.487   -0.091  2.002   1.00 18.78 ? 22 TYR A N   1 
ATOM   162 C CA  . TYR A 1 22 ? 0.344   -0.960  1.756   1.00 19.81 ? 22 TYR A CA  1 
ATOM   163 C C   . TYR A 1 22 ? 0.079   -1.132  0.272   1.00 19.84 ? 22 TYR A C   1 
ATOM   164 O O   . TYR A 1 22 ? 0.602   -0.388  -0.570  1.00 18.06 ? 22 TYR A O   1 
ATOM   165 C CB  . TYR A 1 22 ? -0.928  -0.415  2.425   1.00 20.80 ? 22 TYR A CB  1 
ATOM   166 C CG  . TYR A 1 22 ? -1.568  0.746   1.694   1.00 21.97 ? 22 TYR A CG  1 
ATOM   167 C CD1 . TYR A 1 22 ? -0.984  2.011   1.708   1.00 22.65 ? 22 TYR A CD1 1 
ATOM   168 C CD2 . TYR A 1 22 ? -2.747  0.572   0.971   1.00 23.67 ? 22 TYR A CD2 1 
ATOM   169 C CE1 . TYR A 1 22 ? -1.558  3.080   1.018   1.00 24.64 ? 22 TYR A CE1 1 
ATOM   170 C CE2 . TYR A 1 22 ? -3.333  1.636   0.277   1.00 25.60 ? 22 TYR A CE2 1 
ATOM   171 C CZ  . TYR A 1 22 ? -2.730  2.884   0.307   1.00 25.57 ? 22 TYR A CZ  1 
ATOM   172 O OH  . TYR A 1 22 ? -3.298  3.938   -0.374  1.00 29.24 ? 22 TYR A OH  1 
ATOM   173 N N   . LYS A 1 23 ? -0.743  -2.130  -0.024  1.00 20.61 ? 23 LYS A N   1 
ATOM   174 C CA  . LYS A 1 23 ? -1.158  -2.448  -1.386  1.00 22.77 ? 23 LYS A CA  1 
ATOM   175 C C   . LYS A 1 23 ? -2.647  -2.730  -1.229  1.00 23.64 ? 23 LYS A C   1 
ATOM   176 O O   . LYS A 1 23 ? -3.052  -3.395  -0.273  1.00 21.01 ? 23 LYS A O   1 
ATOM   177 C CB  . LYS A 1 23 ? -0.452  -3.713  -1.887  1.00 23.35 ? 23 LYS A CB  1 
ATOM   178 C CG  . LYS A 1 23 ? 1.047   -3.732  -1.657  1.00 30.86 ? 23 LYS A CG  1 
ATOM   179 C CD  . LYS A 1 23 ? 1.623   -5.145  -1.771  1.00 32.34 ? 23 LYS A CD  1 
ATOM   180 C CE  . LYS A 1 23 ? 1.591   -5.674  -3.199  1.00 35.15 ? 23 LYS A CE  1 
ATOM   181 N NZ  . LYS A 1 23 ? 0.219   -5.723  -3.777  1.00 36.20 ? 23 LYS A NZ  1 
ATOM   182 N N   . MET A 1 24 ? -3.457  -2.219  -2.148  1.00 26.98 ? 24 MET A N   1 
ATOM   183 C CA  . MET A 1 24 ? -4.896  -2.435  -2.087  1.00 30.68 ? 24 MET A CA  1 
ATOM   184 C C   . MET A 1 24 ? -5.377  -3.229  -3.297  1.00 32.50 ? 24 MET A C   1 
ATOM   185 O O   . MET A 1 24 ? -5.035  -2.909  -4.438  1.00 32.90 ? 24 MET A O   1 
ATOM   186 C CB  . MET A 1 24 ? -5.636  -1.102  -2.040  1.00 32.94 ? 24 MET A CB  1 
ATOM   187 C CG  . MET A 1 24 ? -7.124  -1.258  -1.788  1.00 36.16 ? 24 MET A CG  1 
ATOM   188 S SD  . MET A 1 24 ? -8.024  0.182   -2.328  1.00 40.42 ? 24 MET A SD  1 
ATOM   189 C CE  . MET A 1 24 ? -7.331  1.425   -1.232  1.00 39.23 ? 24 MET A CE  1 
ATOM   190 N N   . PHE A 1 25 ? -6.174  -4.261  -3.040  1.00 33.52 ? 25 PHE A N   1 
ATOM   191 C CA  . PHE A 1 25 ? -6.713  -5.105  -4.100  1.00 35.97 ? 25 PHE A CA  1 
ATOM   192 C C   . PHE A 1 25 ? -8.227  -5.054  -4.113  1.00 37.52 ? 25 PHE A C   1 
ATOM   193 O O   . PHE A 1 25 ? -8.859  -4.850  -3.080  1.00 35.93 ? 25 PHE A O   1 
ATOM   194 C CB  . PHE A 1 25 ? -6.291  -6.560  -3.900  1.00 36.36 ? 25 PHE A CB  1 
ATOM   195 C CG  . PHE A 1 25 ? -4.825  -6.790  -4.049  1.00 37.04 ? 25 PHE A CG  1 
ATOM   196 C CD1 . PHE A 1 25 ? -4.195  -6.568  -5.266  1.00 38.02 ? 25 PHE A CD1 1 
ATOM   197 C CD2 . PHE A 1 25 ? -4.070  -7.241  -2.973  1.00 37.91 ? 25 PHE A CD2 1 
ATOM   198 C CE1 . PHE A 1 25 ? -2.833  -6.791  -5.413  1.00 38.95 ? 25 PHE A CE1 1 
ATOM   199 C CE2 . PHE A 1 25 ? -2.705  -7.468  -3.109  1.00 38.14 ? 25 PHE A CE2 1 
ATOM   200 C CZ  . PHE A 1 25 ? -2.088  -7.243  -4.332  1.00 39.36 ? 25 PHE A CZ  1 
ATOM   201 N N   . MET A 1 26 ? -8.801  -5.244  -5.294  1.00 41.01 ? 26 MET A N   1 
ATOM   202 C CA  . MET A 1 26 ? -10.246 -5.256  -5.447  1.00 45.21 ? 26 MET A CA  1 
ATOM   203 C C   . MET A 1 26 ? -10.594 -6.674  -5.882  1.00 46.70 ? 26 MET A C   1 
ATOM   204 O O   . MET A 1 26 ? -9.979  -7.212  -6.801  1.00 47.43 ? 26 MET A O   1 
ATOM   205 C CB  . MET A 1 26 ? -10.682 -4.247  -6.512  1.00 46.99 ? 26 MET A CB  1 
ATOM   206 C CG  . MET A 1 26 ? -11.875 -3.406  -6.090  1.00 50.64 ? 26 MET A CG  1 
ATOM   207 S SD  . MET A 1 26 ? -11.516 -2.396  -4.628  1.00 54.39 ? 26 MET A SD  1 
ATOM   208 C CE  . MET A 1 26 ? -11.582 -0.740  -5.335  1.00 53.14 ? 26 MET A CE  1 
ATOM   209 N N   . VAL A 1 27 ? -11.565 -7.284  -5.209  1.00 49.06 ? 27 VAL A N   1 
ATOM   210 C CA  . VAL A 1 27 ? -11.974 -8.650  -5.524  1.00 51.68 ? 27 VAL A CA  1 
ATOM   211 C C   . VAL A 1 27 ? -12.275 -8.844  -7.007  1.00 52.90 ? 27 VAL A C   1 
ATOM   212 O O   . VAL A 1 27 ? -12.716 -7.915  -7.688  1.00 52.67 ? 27 VAL A O   1 
ATOM   213 C CB  . VAL A 1 27 ? -13.206 -9.065  -4.690  1.00 51.29 ? 27 VAL A CB  1 
ATOM   214 C CG1 . VAL A 1 27 ? -13.656 -10.473 -5.069  1.00 51.25 ? 27 VAL A CG1 1 
ATOM   215 C CG2 . VAL A 1 27 ? -12.857 -9.008  -3.214  1.00 51.20 ? 27 VAL A CG2 1 
ATOM   216 N N   . ALA A 1 28 ? -12.029 -10.061 -7.491  1.00 56.14 ? 28 ALA A N   1 
ATOM   217 C CA  . ALA A 1 28 ? -12.241 -10.415 -8.892  1.00 58.80 ? 28 ALA A CA  1 
ATOM   218 C C   . ALA A 1 28 ? -11.214 -9.685  -9.753  1.00 60.94 ? 28 ALA A C   1 
ATOM   219 O O   . ALA A 1 28 ? -11.437 -9.428  -10.937 1.00 61.42 ? 28 ALA A O   1 
ATOM   220 C CB  . ALA A 1 28 ? -13.655 -10.051 -9.326  1.00 59.07 ? 28 ALA A CB  1 
ATOM   221 N N   . ALA A 1 29 ? -10.083 -9.355  -9.134  1.00 62.88 ? 29 ALA A N   1 
ATOM   222 C CA  . ALA A 1 29 ? -8.992  -8.659  -9.807  1.00 64.53 ? 29 ALA A CA  1 
ATOM   223 C C   . ALA A 1 29 ? -7.802  -8.497  -8.859  1.00 65.84 ? 29 ALA A C   1 
ATOM   224 O O   . ALA A 1 29 ? -7.215  -7.417  -8.762  1.00 65.79 ? 29 ALA A O   1 
ATOM   225 C CB  . ALA A 1 29 ? -9.465  -7.291  -10.295 1.00 63.78 ? 29 ALA A CB  1 
ATOM   226 N N   . PRO A 1 30 ? -7.433  -9.572  -8.141  1.00 67.04 ? 30 PRO A N   1 
ATOM   227 C CA  . PRO A 1 30 ? -6.303  -9.499  -7.211  1.00 67.62 ? 30 PRO A CA  1 
ATOM   228 C C   . PRO A 1 30 ? -4.977  -9.328  -7.947  1.00 68.19 ? 30 PRO A C   1 
ATOM   229 O O   . PRO A 1 30 ? -4.089  -8.607  -7.492  1.00 68.19 ? 30 PRO A O   1 
ATOM   230 C CB  . PRO A 1 30 ? -6.389  -10.827 -6.466  1.00 67.78 ? 30 PRO A CB  1 
ATOM   231 C CG  . PRO A 1 30 ? -6.907  -11.752 -7.518  1.00 67.76 ? 30 PRO A CG  1 
ATOM   232 C CD  . PRO A 1 30 ? -8.008  -10.930 -8.153  1.00 67.43 ? 30 PRO A CD  1 
ATOM   233 N N   . LYS A 1 31 ? -4.853  -9.996  -9.088  1.00 68.62 ? 31 LYS A N   1 
ATOM   234 C CA  . LYS A 1 31 ? -3.642  -9.919  -9.893  1.00 68.97 ? 31 LYS A CA  1 
ATOM   235 C C   . LYS A 1 31 ? -3.229  -8.466  -10.113 1.00 68.69 ? 31 LYS A C   1 
ATOM   236 O O   . LYS A 1 31 ? -2.039  -8.152  -10.184 1.00 69.24 ? 31 LYS A O   1 
ATOM   237 C CB  . LYS A 1 31 ? -3.871  -10.593 -11.248 1.00 69.66 ? 31 LYS A CB  1 
ATOM   238 C CG  . LYS A 1 31 ? -5.032  -10.008 -12.042 1.00 70.70 ? 31 LYS A CG  1 
ATOM   239 C CD  . LYS A 1 31 ? -5.165  -10.675 -13.404 1.00 72.03 ? 31 LYS A CD  1 
ATOM   240 C CE  . LYS A 1 31 ? -6.378  -10.159 -14.162 1.00 72.50 ? 31 LYS A CE  1 
ATOM   241 N NZ  . LYS A 1 31 ? -7.650  -10.449 -13.441 1.00 72.80 ? 31 LYS A NZ  1 
ATOM   242 N N   . VAL A 1 32 ? -4.219  -7.585  -10.213 1.00 67.94 ? 32 VAL A N   1 
ATOM   243 C CA  . VAL A 1 32 ? -3.968  -6.165  -10.439 1.00 66.46 ? 32 VAL A CA  1 
ATOM   244 C C   . VAL A 1 32 ? -4.162  -5.310  -9.188  1.00 64.45 ? 32 VAL A C   1 
ATOM   245 O O   . VAL A 1 32 ? -5.205  -5.368  -8.535  1.00 64.98 ? 32 VAL A O   1 
ATOM   246 C CB  . VAL A 1 32 ? -4.892  -5.611  -11.551 1.00 67.35 ? 32 VAL A CB  1 
ATOM   247 C CG1 . VAL A 1 32 ? -4.609  -4.134  -11.777 1.00 67.68 ? 32 VAL A CG1 1 
ATOM   248 C CG2 . VAL A 1 32 ? -4.690  -6.397  -12.840 1.00 67.63 ? 32 VAL A CG2 1 
ATOM   249 N N   . PRO A 1 33 ? -3.148  -4.506  -8.836  1.00 62.03 ? 33 PRO A N   1 
ATOM   250 C CA  . PRO A 1 33 ? -3.210  -3.631  -7.664  1.00 59.31 ? 33 PRO A CA  1 
ATOM   251 C C   . PRO A 1 33 ? -3.959  -2.356  -8.034  1.00 56.36 ? 33 PRO A C   1 
ATOM   252 O O   . PRO A 1 33 ? -3.902  -1.909  -9.179  1.00 56.37 ? 33 PRO A O   1 
ATOM   253 C CB  . PRO A 1 33 ? -1.743  -3.371  -7.360  1.00 60.25 ? 33 PRO A CB  1 
ATOM   254 C CG  . PRO A 1 33 ? -1.159  -3.283  -8.739  1.00 61.90 ? 33 PRO A CG  1 
ATOM   255 C CD  . PRO A 1 33 ? -1.807  -4.461  -9.448  1.00 62.36 ? 33 PRO A CD  1 
ATOM   256 N N   . VAL A 1 34 ? -4.658  -1.772  -7.069  1.00 51.71 ? 34 VAL A N   1 
ATOM   257 C CA  . VAL A 1 34 ? -5.418  -0.555  -7.319  1.00 47.24 ? 34 VAL A CA  1 
ATOM   258 C C   . VAL A 1 34 ? -4.740  0.664   -6.704  1.00 43.65 ? 34 VAL A C   1 
ATOM   259 O O   . VAL A 1 34 ? -4.824  1.773   -7.233  1.00 42.34 ? 34 VAL A O   1 
ATOM   260 C CB  . VAL A 1 34 ? -6.845  -0.677  -6.745  1.00 47.05 ? 34 VAL A CB  1 
ATOM   261 C CG1 . VAL A 1 34 ? -7.643  0.578   -7.045  1.00 48.31 ? 34 VAL A CG1 1 
ATOM   262 C CG2 . VAL A 1 34 ? -7.530  -1.891  -7.334  1.00 47.31 ? 34 VAL A CG2 1 
ATOM   263 N N   . LYS A 1 35 ? -4.054  0.450   -5.589  1.00 40.22 ? 35 LYS A N   1 
ATOM   264 C CA  . LYS A 1 35 ? -3.381  1.537   -4.895  1.00 35.18 ? 35 LYS A CA  1 
ATOM   265 C C   . LYS A 1 35 ? -2.203  0.981   -4.102  1.00 30.45 ? 35 LYS A C   1 
ATOM   266 O O   . LYS A 1 35 ? -2.283  -0.114  -3.556  1.00 28.87 ? 35 LYS A O   1 
ATOM   267 C CB  . LYS A 1 35 ? -4.376  2.217   -3.948  1.00 37.95 ? 35 LYS A CB  1 
ATOM   268 C CG  . LYS A 1 35 ? -3.853  3.426   -3.192  1.00 42.47 ? 35 LYS A CG  1 
ATOM   269 C CD  . LYS A 1 35 ? -3.882  4.684   -4.042  1.00 43.77 ? 35 LYS A CD  1 
ATOM   270 C CE  . LYS A 1 35 ? -3.624  5.922   -3.191  1.00 44.59 ? 35 LYS A CE  1 
ATOM   271 N NZ  . LYS A 1 35 ? -2.329  5.847   -2.456  1.00 46.25 ? 35 LYS A NZ  1 
ATOM   272 N N   . ARG A 1 36 ? -1.111  1.736   -4.063  1.00 26.36 ? 36 ARG A N   1 
ATOM   273 C CA  . ARG A 1 36 ? 0.086   1.350   -3.319  1.00 23.79 ? 36 ARG A CA  1 
ATOM   274 C C   . ARG A 1 36 ? 0.687   2.629   -2.760  1.00 23.37 ? 36 ARG A C   1 
ATOM   275 O O   . ARG A 1 36 ? 0.721   3.644   -3.450  1.00 23.94 ? 36 ARG A O   1 
ATOM   276 C CB  . ARG A 1 36 ? 1.116   0.683   -4.236  1.00 24.58 ? 36 ARG A CB  1 
ATOM   277 C CG  . ARG A 1 36 ? 0.680   -0.634  -4.860  1.00 29.62 ? 36 ARG A CG  1 
ATOM   278 C CD  . ARG A 1 36 ? 1.664   -1.062  -5.946  1.00 30.92 ? 36 ARG A CD  1 
ATOM   279 N NE  . ARG A 1 36 ? 2.912   -1.620  -5.423  1.00 31.33 ? 36 ARG A NE  1 
ATOM   280 C CZ  . ARG A 1 36 ? 3.974   -1.898  -6.178  1.00 32.56 ? 36 ARG A CZ  1 
ATOM   281 N NH1 . ARG A 1 36 ? 3.944   -1.663  -7.484  1.00 33.49 ? 36 ARG A NH1 1 
ATOM   282 N NH2 . ARG A 1 36 ? 5.061   -2.432  -5.638  1.00 30.28 ? 36 ARG A NH2 1 
ATOM   283 N N   . GLY A 1 37 ? 1.162   2.591   -1.518  1.00 19.71 ? 37 GLY A N   1 
ATOM   284 C CA  . GLY A 1 37 ? 1.755   3.788   -0.948  1.00 21.77 ? 37 GLY A CA  1 
ATOM   285 C C   . GLY A 1 37 ? 1.968   3.727   0.551   1.00 20.95 ? 37 GLY A C   1 
ATOM   286 O O   . GLY A 1 37 ? 2.041   2.643   1.128   1.00 20.65 ? 37 GLY A O   1 
ATOM   287 N N   . CYS A 1 38 ? 2.081   4.896   1.174   1.00 21.96 ? 38 CYS A N   1 
ATOM   288 C CA  . CYS A 1 38 ? 2.286   5.004   2.620   1.00 22.64 ? 38 CYS A CA  1 
ATOM   289 C C   . CYS A 1 38 ? 0.961   5.124   3.356   1.00 24.12 ? 38 CYS A C   1 
ATOM   290 O O   . CYS A 1 38 ? -0.026  5.609   2.798   1.00 25.81 ? 38 CYS A O   1 
ATOM   291 C CB  . CYS A 1 38 ? 3.108   6.245   2.958   1.00 23.23 ? 38 CYS A CB  1 
ATOM   292 S SG  . CYS A 1 38 ? 4.759   6.383   2.222   1.00 22.35 ? 38 CYS A SG  1 
ATOM   293 N N   . ILE A 1 39 ? 0.938   4.710   4.620   1.00 22.38 ? 39 ILE A N   1 
ATOM   294 C CA  . ILE A 1 39 ? -0.284  4.809   5.408   1.00 23.99 ? 39 ILE A CA  1 
ATOM   295 C C   . ILE A 1 39 ? 0.015   4.724   6.904   1.00 24.98 ? 39 ILE A C   1 
ATOM   296 O O   . ILE A 1 39 ? 1.061   4.214   7.306   1.00 24.85 ? 39 ILE A O   1 
ATOM   297 C CB  . ILE A 1 39 ? -1.301  3.712   4.996   1.00 26.21 ? 39 ILE A CB  1 
ATOM   298 C CG1 . ILE A 1 39 ? -2.706  4.104   5.458   1.00 28.43 ? 39 ILE A CG1 1 
ATOM   299 C CG2 . ILE A 1 39 ? -0.896  2.370   5.591   1.00 26.20 ? 39 ILE A CG2 1 
ATOM   300 C CD1 . ILE A 1 39 ? -3.819  3.376   4.732   1.00 28.64 ? 39 ILE A CD1 1 
ATOM   301 N N   . ASP A 1 40 ? -0.898  5.234   7.721   1.00 24.95 ? 40 ASP A N   1 
ATOM   302 C CA  . ASP A 1 40 ? -0.722  5.228   9.171   1.00 27.27 ? 40 ASP A CA  1 
ATOM   303 C C   . ASP A 1 40 ? -1.162  3.912   9.816   1.00 28.10 ? 40 ASP A C   1 
ATOM   304 O O   . ASP A 1 40 ? -0.476  3.380   10.691  1.00 30.16 ? 40 ASP A O   1 
ATOM   305 C CB  . ASP A 1 40 ? -1.493  6.402   9.785   1.00 27.79 ? 40 ASP A CB  1 
ATOM   306 C CG  . ASP A 1 40 ? -2.995  6.289   9.585   1.00 29.43 ? 40 ASP A CG  1 
ATOM   307 O OD1 . ASP A 1 40 ? -3.443  6.059   8.438   1.00 31.22 ? 40 ASP A OD1 1 
ATOM   308 O OD2 . ASP A 1 40 ? -3.734  6.437   10.581  1.00 31.56 ? 40 ASP A OD2 1 
ATOM   309 N N   . VAL A 1 41 ? -2.311  3.399   9.384   1.00 27.86 ? 41 VAL A N   1 
ATOM   310 C CA  . VAL A 1 41 ? -2.857  2.149   9.903   1.00 28.72 ? 41 VAL A CA  1 
ATOM   311 C C   . VAL A 1 41 ? -3.258  1.249   8.733   1.00 27.76 ? 41 VAL A C   1 
ATOM   312 O O   . VAL A 1 41 ? -3.631  1.744   7.673   1.00 29.39 ? 41 VAL A O   1 
ATOM   313 C CB  . VAL A 1 41 ? -4.097  2.413   10.784  1.00 29.75 ? 41 VAL A CB  1 
ATOM   314 C CG1 . VAL A 1 41 ? -3.705  3.259   11.990  1.00 29.67 ? 41 VAL A CG1 1 
ATOM   315 C CG2 . VAL A 1 41 ? -5.164  3.132   9.981   1.00 31.55 ? 41 VAL A CG2 1 
ATOM   316 N N   . CYS A 1 42 ? -3.168  -0.065  8.919   1.00 27.55 ? 42 CYS A N   1 
ATOM   317 C CA  . CYS A 1 42 ? -3.535  -0.992  7.851   1.00 25.56 ? 42 CYS A CA  1 
ATOM   318 C C   . CYS A 1 42 ? -5.050  -1.109  7.812   1.00 25.00 ? 42 CYS A C   1 
ATOM   319 O O   . CYS A 1 42 ? -5.657  -1.664  8.725   1.00 24.44 ? 42 CYS A O   1 
ATOM   320 C CB  . CYS A 1 42 ? -2.920  -2.370  8.097   1.00 24.42 ? 42 CYS A CB  1 
ATOM   321 S SG  . CYS A 1 42 ? -2.935  -3.460  6.629   1.00 23.87 ? 42 CYS A SG  1 
ATOM   322 N N   . PRO A 1 43 ? -5.683  -0.579  6.755   1.00 25.36 ? 43 PRO A N   1 
ATOM   323 C CA  . PRO A 1 43 ? -7.143  -0.634  6.620   1.00 27.08 ? 43 PRO A CA  1 
ATOM   324 C C   . PRO A 1 43 ? -7.684  -2.060  6.685   1.00 28.32 ? 43 PRO A C   1 
ATOM   325 O O   . PRO A 1 43 ? -7.050  -2.998  6.194   1.00 24.89 ? 43 PRO A O   1 
ATOM   326 C CB  . PRO A 1 43 ? -7.389  0.008   5.258   1.00 27.83 ? 43 PRO A CB  1 
ATOM   327 C CG  . PRO A 1 43 ? -6.227  0.949   5.104   1.00 26.16 ? 43 PRO A CG  1 
ATOM   328 C CD  . PRO A 1 43 ? -5.079  0.115   5.607   1.00 25.53 ? 43 PRO A CD  1 
ATOM   329 N N   . LYS A 1 44 ? -8.858  -2.220  7.289   1.00 29.16 ? 44 LYS A N   1 
ATOM   330 C CA  . LYS A 1 44 ? -9.483  -3.537  7.405   1.00 31.23 ? 44 LYS A CA  1 
ATOM   331 C C   . LYS A 1 44 ? -10.023 -4.013  6.064   1.00 29.13 ? 44 LYS A C   1 
ATOM   332 O O   . LYS A 1 44 ? -10.665 -3.257  5.340   1.00 28.87 ? 44 LYS A O   1 
ATOM   333 C CB  . LYS A 1 44 ? -10.631 -3.500  8.420   1.00 33.21 ? 44 LYS A CB  1 
ATOM   334 C CG  . LYS A 1 44 ? -10.193 -3.589  9.872   1.00 37.26 ? 44 LYS A CG  1 
ATOM   335 C CD  . LYS A 1 44 ? -9.633  -4.964  10.199  1.00 38.95 ? 44 LYS A CD  1 
ATOM   336 C CE  . LYS A 1 44 ? -9.356  -5.093  11.690  1.00 41.04 ? 44 LYS A CE  1 
ATOM   337 N NZ  . LYS A 1 44 ? -10.582 -4.832  12.495  1.00 41.76 ? 44 LYS A NZ  1 
ATOM   338 N N   . SER A 1 45 ? -9.759  -5.272  5.736   1.00 29.27 ? 45 SER A N   1 
ATOM   339 C CA  . SER A 1 45 ? -10.239 -5.841  4.484   1.00 27.63 ? 45 SER A CA  1 
ATOM   340 C C   . SER A 1 45 ? -11.717 -6.188  4.598   1.00 28.69 ? 45 SER A C   1 
ATOM   341 O O   . SER A 1 45 ? -12.238 -6.361  5.698   1.00 29.25 ? 45 SER A O   1 
ATOM   342 C CB  . SER A 1 45 ? -9.460  -7.110  4.145   1.00 27.20 ? 45 SER A CB  1 
ATOM   343 O OG  . SER A 1 45 ? -8.084  -6.840  3.960   1.00 22.10 ? 45 SER A OG  1 
ATOM   344 N N   . SER A 1 46 ? -12.382 -6.287  3.451   1.00 29.50 ? 46 SER A N   1 
ATOM   345 C CA  . SER A 1 46 ? -13.795 -6.644  3.400   1.00 31.53 ? 46 SER A CA  1 
ATOM   346 C C   . SER A 1 46 ? -13.970 -7.654  2.272   1.00 31.76 ? 46 SER A C   1 
ATOM   347 O O   . SER A 1 46 ? -12.988 -8.176  1.748   1.00 31.27 ? 46 SER A O   1 
ATOM   348 C CB  . SER A 1 46 ? -14.653 -5.408  3.123   1.00 30.81 ? 46 SER A CB  1 
ATOM   349 O OG  . SER A 1 46 ? -14.391 -4.888  1.833   1.00 31.70 ? 46 SER A OG  1 
ATOM   350 N N   . LEU A 1 47 ? -15.218 -7.925  1.902   1.00 31.91 ? 47 LEU A N   1 
ATOM   351 C CA  . LEU A 1 47 ? -15.512 -8.866  0.825   1.00 32.79 ? 47 LEU A CA  1 
ATOM   352 C C   . LEU A 1 47 ? -15.168 -8.296  -0.542  1.00 33.21 ? 47 LEU A C   1 
ATOM   353 O O   . LEU A 1 47 ? -15.018 -9.041  -1.509  1.00 33.44 ? 47 LEU A O   1 
ATOM   354 C CB  . LEU A 1 47 ? -17.000 -9.236  0.818   1.00 33.77 ? 47 LEU A CB  1 
ATOM   355 C CG  . LEU A 1 47 ? -17.554 -10.256 1.811   1.00 34.88 ? 47 LEU A CG  1 
ATOM   356 C CD1 . LEU A 1 47 ? -19.064 -10.366 1.635   1.00 34.42 ? 47 LEU A CD1 1 
ATOM   357 C CD2 . LEU A 1 47 ? -16.902 -11.603 1.571   1.00 33.25 ? 47 LEU A CD2 1 
ATOM   358 N N   . LEU A 1 48 ? -15.057 -6.974  -0.620  1.00 31.53 ? 48 LEU A N   1 
ATOM   359 C CA  . LEU A 1 48 ? -14.776 -6.317  -1.889  1.00 31.57 ? 48 LEU A CA  1 
ATOM   360 C C   . LEU A 1 48 ? -13.392 -5.689  -1.995  1.00 31.08 ? 48 LEU A C   1 
ATOM   361 O O   . LEU A 1 48 ? -12.863 -5.535  -3.090  1.00 31.33 ? 48 LEU A O   1 
ATOM   362 C CB  . LEU A 1 48 ? -15.836 -5.245  -2.148  1.00 33.49 ? 48 LEU A CB  1 
ATOM   363 C CG  . LEU A 1 48 ? -17.282 -5.748  -2.200  1.00 34.76 ? 48 LEU A CG  1 
ATOM   364 C CD1 . LEU A 1 48 ? -18.244 -4.577  -2.157  1.00 35.76 ? 48 LEU A CD1 1 
ATOM   365 C CD2 . LEU A 1 48 ? -17.481 -6.573  -3.463  1.00 35.80 ? 48 LEU A CD2 1 
ATOM   366 N N   . VAL A 1 49 ? -12.810 -5.323  -0.857  1.00 31.49 ? 49 VAL A N   1 
ATOM   367 C CA  . VAL A 1 49 ? -11.490 -4.696  -0.853  1.00 30.41 ? 49 VAL A CA  1 
ATOM   368 C C   . VAL A 1 49 ? -10.529 -5.420  0.086   1.00 28.15 ? 49 VAL A C   1 
ATOM   369 O O   . VAL A 1 49 ? -10.867 -5.706  1.230   1.00 29.39 ? 49 VAL A O   1 
ATOM   370 C CB  . VAL A 1 49 ? -11.582 -3.215  -0.407  1.00 30.27 ? 49 VAL A CB  1 
ATOM   371 C CG1 . VAL A 1 49 ? -10.223 -2.549  -0.527  1.00 31.54 ? 49 VAL A CG1 1 
ATOM   372 C CG2 . VAL A 1 49 ? -12.612 -2.479  -1.248  1.00 31.47 ? 49 VAL A CG2 1 
ATOM   373 N N   . LYS A 1 50 ? -9.329  -5.711  -0.401  1.00 26.70 ? 50 LYS A N   1 
ATOM   374 C CA  . LYS A 1 50 ? -8.331  -6.381  0.423   1.00 25.85 ? 50 LYS A CA  1 
ATOM   375 C C   . LYS A 1 50 ? -7.100  -5.494  0.588   1.00 24.30 ? 50 LYS A C   1 
ATOM   376 O O   . LYS A 1 50 ? -6.679  -4.815  -0.347  1.00 23.85 ? 50 LYS A O   1 
ATOM   377 C CB  . LYS A 1 50 ? -7.927  -7.721  -0.206  1.00 27.24 ? 50 LYS A CB  1 
ATOM   378 C CG  . LYS A 1 50 ? -9.076  -8.713  -0.387  1.00 29.70 ? 50 LYS A CG  1 
ATOM   379 C CD  . LYS A 1 50 ? -9.752  -9.040  0.935   1.00 32.10 ? 50 LYS A CD  1 
ATOM   380 C CE  . LYS A 1 50 ? -10.685 -10.244 0.817   1.00 33.15 ? 50 LYS A CE  1 
ATOM   381 N NZ  . LYS A 1 50 ? -11.800 -10.026 -0.144  1.00 34.71 ? 50 LYS A NZ  1 
ATOM   382 N N   . TYR A 1 51 ? -6.535  -5.490  1.790   1.00 22.82 ? 51 TYR A N   1 
ATOM   383 C CA  . TYR A 1 51 ? -5.346  -4.691  2.065   1.00 21.87 ? 51 TYR A CA  1 
ATOM   384 C C   . TYR A 1 51 ? -4.226  -5.575  2.609   1.00 21.03 ? 51 TYR A C   1 
ATOM   385 O O   . TYR A 1 51 ? -4.469  -6.484  3.409   1.00 19.68 ? 51 TYR A O   1 
ATOM   386 C CB  . TYR A 1 51 ? -5.655  -3.606  3.101   1.00 22.49 ? 51 TYR A CB  1 
ATOM   387 C CG  . TYR A 1 51 ? -6.660  -2.573  2.660   1.00 21.94 ? 51 TYR A CG  1 
ATOM   388 C CD1 . TYR A 1 51 ? -6.266  -1.467  1.910   1.00 24.13 ? 51 TYR A CD1 1 
ATOM   389 C CD2 . TYR A 1 51 ? -8.006  -2.684  3.019   1.00 23.49 ? 51 TYR A CD2 1 
ATOM   390 C CE1 . TYR A 1 51 ? -7.179  -0.491  1.537   1.00 25.05 ? 51 TYR A CE1 1 
ATOM   391 C CE2 . TYR A 1 51 ? -8.928  -1.717  2.647   1.00 24.53 ? 51 TYR A CE2 1 
ATOM   392 C CZ  . TYR A 1 51 ? -8.507  -0.619  1.909   1.00 25.75 ? 51 TYR A CZ  1 
ATOM   393 O OH  . TYR A 1 51 ? -9.405  0.360   1.556   1.00 25.87 ? 51 TYR A OH  1 
ATOM   394 N N   . VAL A 1 52 ? -3.007  -5.305  2.148   1.00 21.24 ? 52 VAL A N   1 
ATOM   395 C CA  . VAL A 1 52 ? -1.807  -6.015  2.587   1.00 19.47 ? 52 VAL A CA  1 
ATOM   396 C C   . VAL A 1 52 ? -0.813  -4.921  2.979   1.00 19.52 ? 52 VAL A C   1 
ATOM   397 O O   . VAL A 1 52 ? -0.540  -4.001  2.203   1.00 20.13 ? 52 VAL A O   1 
ATOM   398 C CB  . VAL A 1 52 ? -1.199  -6.873  1.457   1.00 19.12 ? 52 VAL A CB  1 
ATOM   399 C CG1 . VAL A 1 52 ? 0.106   -7.509  1.934   1.00 19.29 ? 52 VAL A CG1 1 
ATOM   400 C CG2 . VAL A 1 52 ? -2.184  -7.950  1.036   1.00 21.22 ? 52 VAL A CG2 1 
ATOM   401 N N   . CYS A 1 53 ? -0.271  -5.014  4.180   1.00 17.42 ? 53 CYS A N   1 
ATOM   402 C CA  . CYS A 1 53 ? 0.648   -3.987  4.647   1.00 17.74 ? 53 CYS A CA  1 
ATOM   403 C C   . CYS A 1 53 ? 1.956   -4.568  5.159   1.00 19.31 ? 53 CYS A C   1 
ATOM   404 O O   . CYS A 1 53 ? 2.000   -5.695  5.651   1.00 18.56 ? 53 CYS A O   1 
ATOM   405 C CB  . CYS A 1 53 ? -0.023  -3.175  5.754   1.00 20.77 ? 53 CYS A CB  1 
ATOM   406 S SG  . CYS A 1 53 ? -1.681  -2.522  5.342   1.00 22.48 ? 53 CYS A SG  1 
ATOM   407 N N   . CYS A 1 54 ? 3.027   -3.796  5.023   1.00 19.16 ? 54 CYS A N   1 
ATOM   408 C CA  . CYS A 1 54 ? 4.333   -4.227  5.492   1.00 19.15 ? 54 CYS A CA  1 
ATOM   409 C C   . CYS A 1 54 ? 5.058   -2.993  6.028   1.00 18.20 ? 54 CYS A C   1 
ATOM   410 O O   . CYS A 1 54 ? 4.625   -1.863  5.790   1.00 18.54 ? 54 CYS A O   1 
ATOM   411 C CB  . CYS A 1 54 ? 5.097   -4.914  4.357   1.00 18.44 ? 54 CYS A CB  1 
ATOM   412 S SG  . CYS A 1 54 ? 5.131   -3.970  2.802   1.00 17.73 ? 54 CYS A SG  1 
ATOM   413 N N   . ASN A 1 55 ? 6.159   -3.184  6.746   1.00 18.49 ? 55 ASN A N   1 
ATOM   414 C CA  . ASN A 1 55 ? 6.819   -2.036  7.353   1.00 19.18 ? 55 ASN A CA  1 
ATOM   415 C C   . ASN A 1 55 ? 8.309   -1.788  7.121   1.00 18.16 ? 55 ASN A C   1 
ATOM   416 O O   . ASN A 1 55 ? 8.994   -1.231  7.985   1.00 18.29 ? 55 ASN A O   1 
ATOM   417 C CB  . ASN A 1 55 ? 6.518   -2.052  8.858   1.00 22.27 ? 55 ASN A CB  1 
ATOM   418 C CG  . ASN A 1 55 ? 6.848   -3.380  9.505   1.00 24.71 ? 55 ASN A CG  1 
ATOM   419 O OD1 . ASN A 1 55 ? 6.278   -3.742  10.536  1.00 28.43 ? 55 ASN A OD1 1 
ATOM   420 N ND2 . ASN A 1 55 ? 7.784   -4.111  8.913   1.00 25.99 ? 55 ASN A ND2 1 
ATOM   421 N N   . THR A 1 56 ? 8.805   -2.181  5.952   1.00 16.61 ? 56 THR A N   1 
ATOM   422 C CA  . THR A 1 56 ? 10.200  -1.955  5.582   1.00 17.75 ? 56 THR A CA  1 
ATOM   423 C C   . THR A 1 56 ? 10.219  -1.293  4.205   1.00 19.15 ? 56 THR A C   1 
ATOM   424 O O   . THR A 1 56 ? 9.254   -1.420  3.436   1.00 19.07 ? 56 THR A O   1 
ATOM   425 C CB  . THR A 1 56 ? 11.033  -3.275  5.580   1.00 20.04 ? 56 THR A CB  1 
ATOM   426 O OG1 . THR A 1 56 ? 10.439  -4.233  4.699   1.00 20.60 ? 56 THR A OG1 1 
ATOM   427 C CG2 . THR A 1 56 ? 11.095  -3.859  6.993   1.00 21.04 ? 56 THR A CG2 1 
ATOM   428 N N   . ASP A 1 57 ? 11.297  -0.583  3.889   1.00 18.60 ? 57 ASP A N   1 
ATOM   429 C CA  . ASP A 1 57 ? 11.369  0.134   2.617   1.00 17.68 ? 57 ASP A CA  1 
ATOM   430 C C   . ASP A 1 57 ? 11.033  -0.673  1.374   1.00 18.01 ? 57 ASP A C   1 
ATOM   431 O O   . ASP A 1 57 ? 11.565  -1.766  1.160   1.00 18.05 ? 57 ASP A O   1 
ATOM   432 C CB  . ASP A 1 57 ? 12.748  0.763   2.400   1.00 19.09 ? 57 ASP A CB  1 
ATOM   433 C CG  . ASP A 1 57 ? 13.085  1.829   3.424   1.00 17.21 ? 57 ASP A CG  1 
ATOM   434 O OD1 . ASP A 1 57 ? 12.177  2.358   4.091   1.00 17.50 ? 57 ASP A OD1 1 
ATOM   435 O OD2 . ASP A 1 57 ? 14.287  2.143   3.543   1.00 22.93 ? 57 ASP A OD2 1 
ATOM   436 N N   . ARG A 1 58 ? 10.155  -0.098  0.557   1.00 19.10 ? 58 ARG A N   1 
ATOM   437 C CA  . ARG A 1 58 ? 9.729   -0.677  -0.714  1.00 19.03 ? 58 ARG A CA  1 
ATOM   438 C C   . ARG A 1 58 ? 9.272   -2.141  -0.677  1.00 18.79 ? 58 ARG A C   1 
ATOM   439 O O   . ARG A 1 58 ? 9.430   -2.887  -1.649  1.00 18.02 ? 58 ARG A O   1 
ATOM   440 C CB  . ARG A 1 58 ? 10.855  -0.487  -1.738  1.00 21.00 ? 58 ARG A CB  1 
ATOM   441 C CG  . ARG A 1 58 ? 11.186  0.988   -1.987  1.00 24.14 ? 58 ARG A CG  1 
ATOM   442 C CD  . ARG A 1 58 ? 11.451  1.239   -3.454  1.00 23.83 ? 58 ARG A CD  1 
ATOM   443 N NE  . ARG A 1 58 ? 12.849  1.085   -3.808  1.00 31.11 ? 58 ARG A NE  1 
ATOM   444 C CZ  . ARG A 1 58 ? 13.280  0.479   -4.906  1.00 28.71 ? 58 ARG A CZ  1 
ATOM   445 N NH1 . ARG A 1 58 ? 12.416  -0.052  -5.767  1.00 24.19 ? 58 ARG A NH1 1 
ATOM   446 N NH2 . ARG A 1 58 ? 14.578  0.418   -5.146  1.00 31.18 ? 58 ARG A NH2 1 
ATOM   447 N N   . CYS A 1 59 ? 8.650   -2.520  0.431   1.00 15.61 ? 59 CYS A N   1 
ATOM   448 C CA  . CYS A 1 59 ? 8.169   -3.888  0.638   1.00 17.16 ? 59 CYS A CA  1 
ATOM   449 C C   . CYS A 1 59 ? 6.802   -4.171  -0.005  1.00 18.31 ? 59 CYS A C   1 
ATOM   450 O O   . CYS A 1 59 ? 6.391   -5.333  -0.106  1.00 17.31 ? 59 CYS A O   1 
ATOM   451 C CB  . CYS A 1 59 ? 8.076   -4.153  2.142   1.00 16.81 ? 59 CYS A CB  1 
ATOM   452 S SG  . CYS A 1 59 ? 6.918   -3.028  2.987   1.00 17.53 ? 59 CYS A SG  1 
ATOM   453 N N   . ASN A 1 60 ? 6.113   -3.116  -0.434  1.00 18.06 ? 60 ASN A N   1 
ATOM   454 C CA  . ASN A 1 60 ? 4.770   -3.222  -1.022  1.00 21.30 ? 60 ASN A CA  1 
ATOM   455 C C   . ASN A 1 60 ? 4.727   -3.185  -2.551  1.00 22.90 ? 60 ASN A C   1 
ATOM   456 O O   . ASN A 1 60 ? 5.736   -2.838  -3.193  1.00 24.67 ? 60 ASN A O   1 
ATOM   457 C CB  . ASN A 1 60 ? 3.899   -2.092  -0.472  1.00 21.08 ? 60 ASN A CB  1 
ATOM   458 C CG  . ASN A 1 60 ? 4.361   -0.715  -0.938  1.00 21.55 ? 60 ASN A CG  1 
ATOM   459 O OD1 . ASN A 1 60 ? 5.561   -0.404  -0.932  1.00 20.37 ? 60 ASN A OD1 1 
ATOM   460 N ND2 . ASN A 1 60 ? 3.409   0.120   -1.340  1.00 19.71 ? 60 ASN A ND2 1 
ATOM   461 O OXT . ASN A 1 60 ? 3.652   -3.496  -3.096  1.00 29.95 ? 60 ASN A OXT 1 
HETATM 462 O O   . HOH B 2 .  ? 10.707  0.822   8.820   1.00 23.35 ? 61 HOH A O   1 
HETATM 463 O O   . HOH B 2 .  ? 10.539  -6.941  5.139   1.00 22.32 ? 62 HOH A O   1 
HETATM 464 O O   . HOH B 2 .  ? 3.432   10.203  3.068   1.00 27.96 ? 63 HOH A O   1 
HETATM 465 O O   . HOH B 2 .  ? 12.328  -3.930  2.687   1.00 26.46 ? 64 HOH A O   1 
HETATM 466 O O   . HOH B 2 .  ? 16.400  0.619   2.847   1.00 28.75 ? 65 HOH A O   1 
HETATM 467 O O   . HOH B 2 .  ? 9.384   8.199   6.784   1.00 31.28 ? 66 HOH A O   1 
HETATM 468 O O   . HOH B 2 .  ? 7.782   -7.555  0.512   1.00 23.98 ? 67 HOH A O   1 
HETATM 469 O O   . HOH B 2 .  ? -11.988 -7.415  -9.797  1.00 46.82 ? 68 HOH A O   1 
HETATM 470 O O   . HOH B 2 .  ? 7.447   7.084   8.486   1.00 30.85 ? 69 HOH A O   1 
HETATM 471 O O   . HOH B 2 .  ? -2.389  -1.039  11.385  1.00 32.01 ? 70 HOH A O   1 
HETATM 472 O O   . HOH B 2 .  ? -0.036  4.216   -6.055  1.00 45.60 ? 71 HOH A O   1 
HETATM 473 O O   . HOH B 2 .  ? 7.359   -1.747  -7.385  1.00 35.36 ? 72 HOH A O   1 
HETATM 474 O O   . HOH B 2 .  ? -11.986 -0.013  2.378   1.00 33.70 ? 73 HOH A O   1 
HETATM 475 O O   . HOH B 2 .  ? 8.438   2.120   9.665   1.00 32.21 ? 74 HOH A O   1 
HETATM 476 O O   . HOH B 2 .  ? 15.005  2.908   -2.698  1.00 33.51 ? 75 HOH A O   1 
HETATM 477 O O   . HOH B 2 .  ? 1.590   7.261   -0.463  1.00 33.55 ? 76 HOH A O   1 
HETATM 478 O O   . HOH B 2 .  ? 3.982   -6.891  0.106   1.00 31.96 ? 77 HOH A O   1 
HETATM 479 O O   . HOH B 2 .  ? 9.245   10.239  -4.799  1.00 35.51 ? 78 HOH A O   1 
HETATM 480 O O   . HOH B 2 .  ? -15.040 -1.875  1.272   1.00 40.44 ? 79 HOH A O   1 
HETATM 481 O O   . HOH B 2 .  ? -1.283  -3.554  11.162  1.00 32.41 ? 80 HOH A O   1 
HETATM 482 O O   . HOH B 2 .  ? -8.619  -6.779  7.731   1.00 36.61 ? 81 HOH A O   1 
HETATM 483 O O   . HOH B 2 .  ? -7.288  -8.676  5.810   1.00 36.94 ? 82 HOH A O   1 
HETATM 484 O O   . HOH B 2 .  ? -7.709  -5.039  -7.773  1.00 42.22 ? 83 HOH A O   1 
HETATM 485 O O   . HOH B 2 .  ? 3.362   -3.669  10.523  1.00 40.00 ? 84 HOH A O   1 
HETATM 486 O O   . HOH B 2 .  ? -1.486  6.511   0.014   1.00 40.17 ? 85 HOH A O   1 
HETATM 487 O O   . HOH B 2 .  ? -4.284  7.684   6.640   1.00 35.08 ? 86 HOH A O   1 
HETATM 488 O O   . HOH B 2 .  ? 5.717   11.526  -7.775  1.00 39.73 ? 87 HOH A O   1 
HETATM 489 O O   . HOH B 2 .  ? 1.493   9.032   1.632   1.00 36.63 ? 88 HOH A O   1 
HETATM 490 O O   . HOH B 2 .  ? -3.833  0.509   -11.033 1.00 41.35 ? 89 HOH A O   1 
HETATM 491 O O   . HOH B 2 .  ? 4.204   -1.274  11.618  1.00 39.72 ? 90 HOH A O   1 
HETATM 492 O O   . HOH B 2 .  ? 6.839   12.767  14.410  1.00 44.52 ? 91 HOH A O   1 
HETATM 493 O O   . HOH B 2 .  ? -11.329 -6.975  8.137   1.00 38.58 ? 92 HOH A O   1 
HETATM 494 O O   . HOH B 2 .  ? 14.373  6.833   -9.688  1.00 39.92 ? 93 HOH A O   1 
HETATM 495 O O   . HOH B 2 .  ? 2.111   -4.585  1.224   1.00 35.48 ? 94 HOH A O   1 
HETATM 496 O O   . HOH B 2 .  ? 5.787   1.040   -8.858  1.00 45.57 ? 95 HOH A O   1 
HETATM 497 O O   . HOH B 2 .  ? 16.141  8.641   -8.814  1.00 36.20 ? 96 HOH A O   1 
# 
